data_1MIS
# 
_entry.id   1MIS 
# 
_audit_conform.dict_name       mmcif_pdbx.dic 
_audit_conform.dict_version    5.392 
_audit_conform.dict_location   http://mmcif.pdb.org/dictionaries/ascii/mmcif_pdbx.dic 
# 
loop_
_database_2.database_id 
_database_2.database_code 
_database_2.pdbx_database_accession 
_database_2.pdbx_DOI 
PDB   1MIS         pdb_00001mis 10.2210/pdb1mis/pdb 
WWPDB D_1000175021 ?            ?                   
# 
loop_
_pdbx_audit_revision_history.ordinal 
_pdbx_audit_revision_history.data_content_type 
_pdbx_audit_revision_history.major_revision 
_pdbx_audit_revision_history.minor_revision 
_pdbx_audit_revision_history.revision_date 
1 'Structure model' 1 0 1997-07-07 
2 'Structure model' 1 1 2008-03-24 
3 'Structure model' 1 2 2011-07-13 
4 'Structure model' 1 3 2022-02-23 
5 'Structure model' 1 4 2024-05-22 
# 
_pdbx_audit_revision_details.ordinal             1 
_pdbx_audit_revision_details.revision_ordinal    1 
_pdbx_audit_revision_details.data_content_type   'Structure model' 
_pdbx_audit_revision_details.provider            repository 
_pdbx_audit_revision_details.type                'Initial release' 
_pdbx_audit_revision_details.description         ? 
_pdbx_audit_revision_details.details             ? 
# 
loop_
_pdbx_audit_revision_group.ordinal 
_pdbx_audit_revision_group.revision_ordinal 
_pdbx_audit_revision_group.data_content_type 
_pdbx_audit_revision_group.group 
1 2 'Structure model' 'Version format compliance' 
2 3 'Structure model' 'Version format compliance' 
3 4 'Structure model' 'Database references'       
4 4 'Structure model' 'Derived calculations'      
5 4 'Structure model' Other                       
6 5 'Structure model' 'Data collection'           
# 
loop_
_pdbx_audit_revision_category.ordinal 
_pdbx_audit_revision_category.revision_ordinal 
_pdbx_audit_revision_category.data_content_type 
_pdbx_audit_revision_category.category 
1 4 'Structure model' database_2            
2 4 'Structure model' pdbx_database_status  
3 4 'Structure model' pdbx_struct_assembly  
4 4 'Structure model' pdbx_struct_oper_list 
5 5 'Structure model' chem_comp_atom        
6 5 'Structure model' chem_comp_bond        
# 
loop_
_pdbx_audit_revision_item.ordinal 
_pdbx_audit_revision_item.revision_ordinal 
_pdbx_audit_revision_item.data_content_type 
_pdbx_audit_revision_item.item 
1 4 'Structure model' '_database_2.pdbx_DOI'                
2 4 'Structure model' '_database_2.pdbx_database_accession' 
3 4 'Structure model' '_pdbx_database_status.process_site'  
# 
_pdbx_database_status.status_code                     REL 
_pdbx_database_status.entry_id                        1MIS 
_pdbx_database_status.recvd_initial_deposition_date   1997-03-26 
_pdbx_database_status.deposit_site                    ? 
_pdbx_database_status.process_site                    BNL 
_pdbx_database_status.SG_entry                        . 
_pdbx_database_status.pdb_format_compatible           Y 
_pdbx_database_status.status_code_mr                  ? 
_pdbx_database_status.status_code_sf                  ? 
_pdbx_database_status.status_code_cs                  ? 
_pdbx_database_status.status_code_nmr_data            ? 
_pdbx_database_status.methods_development_category    ? 
# 
loop_
_audit_author.name 
_audit_author.pdbx_ordinal 
'Wu, M.'       1 
'Turner, D.H.' 2 
# 
_citation.id                        primary 
_citation.title                     
'Solution structure of (rGCGGACGC)2 by two-dimensional NMR and the iterative relaxation matrix approach.' 
_citation.journal_abbrev            Biochemistry 
_citation.journal_volume            35 
_citation.page_first                9677 
_citation.page_last                 9689 
_citation.year                      1996 
_citation.journal_id_ASTM           BICHAW 
_citation.country                   US 
_citation.journal_id_ISSN           0006-2960 
_citation.journal_id_CSD            0033 
_citation.book_publisher            ? 
_citation.pdbx_database_id_PubMed   8703939 
_citation.pdbx_database_id_DOI      10.1021/bi960133q 
# 
loop_
_citation_author.citation_id 
_citation_author.name 
_citation_author.ordinal 
_citation_author.identifier_ORCID 
primary 'Wu, M.'       1 ? 
primary 'Turner, D.H.' 2 ? 
# 
_entity.id                         1 
_entity.type                       polymer 
_entity.src_method                 syn 
_entity.pdbx_description           
;RNA (5'-R(*GP*CP*GP*GP*AP*CP*GP*C)-3')
;
_entity.formula_weight             2580.617 
_entity.pdbx_number_of_molecules   2 
_entity.pdbx_ec                    ? 
_entity.pdbx_mutation              ? 
_entity.pdbx_fragment              ? 
_entity.details                    'ANTI-PARALLEL RNA DUPLEX WITH TANDEM G\:A MISMATCHES' 
# 
_entity_poly.entity_id                      1 
_entity_poly.type                           polyribonucleotide 
_entity_poly.nstd_linkage                   no 
_entity_poly.nstd_monomer                   no 
_entity_poly.pdbx_seq_one_letter_code       GCGGACGC 
_entity_poly.pdbx_seq_one_letter_code_can   GCGGACGC 
_entity_poly.pdbx_strand_id                 A,B 
_entity_poly.pdbx_target_identifier         ? 
# 
loop_
_entity_poly_seq.entity_id 
_entity_poly_seq.num 
_entity_poly_seq.mon_id 
_entity_poly_seq.hetero 
1 1 G n 
1 2 C n 
1 3 G n 
1 4 G n 
1 5 A n 
1 6 C n 
1 7 G n 
1 8 C n 
# 
loop_
_chem_comp.id 
_chem_comp.type 
_chem_comp.mon_nstd_flag 
_chem_comp.name 
_chem_comp.pdbx_synonyms 
_chem_comp.formula 
_chem_comp.formula_weight 
A 'RNA linking' y "ADENOSINE-5'-MONOPHOSPHATE" ? 'C10 H14 N5 O7 P' 347.221 
C 'RNA linking' y "CYTIDINE-5'-MONOPHOSPHATE"  ? 'C9 H14 N3 O8 P'  323.197 
G 'RNA linking' y "GUANOSINE-5'-MONOPHOSPHATE" ? 'C10 H14 N5 O8 P' 363.221 
# 
loop_
_pdbx_poly_seq_scheme.asym_id 
_pdbx_poly_seq_scheme.entity_id 
_pdbx_poly_seq_scheme.seq_id 
_pdbx_poly_seq_scheme.mon_id 
_pdbx_poly_seq_scheme.ndb_seq_num 
_pdbx_poly_seq_scheme.pdb_seq_num 
_pdbx_poly_seq_scheme.auth_seq_num 
_pdbx_poly_seq_scheme.pdb_mon_id 
_pdbx_poly_seq_scheme.auth_mon_id 
_pdbx_poly_seq_scheme.pdb_strand_id 
_pdbx_poly_seq_scheme.pdb_ins_code 
_pdbx_poly_seq_scheme.hetero 
A 1 1 G 1 1  1  G G A . n 
A 1 2 C 2 2  2  C C A . n 
A 1 3 G 3 3  3  G G A . n 
A 1 4 G 4 4  4  G G A . n 
A 1 5 A 5 5  5  A A A . n 
A 1 6 C 6 6  6  C C A . n 
A 1 7 G 7 7  7  G G A . n 
A 1 8 C 8 8  8  C C A . n 
B 1 1 G 1 9  9  G G B . n 
B 1 2 C 2 10 10 C C B . n 
B 1 3 G 3 11 11 G G B . n 
B 1 4 G 4 12 12 G G B . n 
B 1 5 A 5 13 13 A A B . n 
B 1 6 C 6 14 14 C C B . n 
B 1 7 G 7 15 15 G G B . n 
B 1 8 C 8 16 16 C C B . n 
# 
_software.name             AMBER 
_software.classification   refinement 
_software.version          . 
_software.citation_id      ? 
_software.pdbx_ordinal     1 
# 
_cell.entry_id           1MIS 
_cell.length_a           1.000 
_cell.length_b           1.000 
_cell.length_c           1.000 
_cell.angle_alpha        90.00 
_cell.angle_beta         90.00 
_cell.angle_gamma        90.00 
_cell.Z_PDB              1 
_cell.pdbx_unique_axis   ? 
# 
_symmetry.entry_id                         1MIS 
_symmetry.space_group_name_H-M             'P 1' 
_symmetry.pdbx_full_space_group_name_H-M   ? 
_symmetry.cell_setting                     ? 
_symmetry.Int_Tables_number                1 
# 
_exptl.entry_id          1MIS 
_exptl.method            'SOLUTION NMR' 
_exptl.crystals_number   ? 
# 
_struct.entry_id                  1MIS 
_struct.title                     
;STRUCTURE OF RNA (5'-R(GP*CP*GP*GP*AP*CP*GP*C)-3') ANTI-PARALLEL RNA DUPLEX WITH TANDEM G:A MISMATCHES, NMR, MINIMIZED AVERAGE STRUCTURE
;
_struct.pdbx_model_details        ? 
_struct.pdbx_CASP_flag            ? 
_struct.pdbx_model_type_details   ? 
# 
_struct_keywords.entry_id        1MIS 
_struct_keywords.pdbx_keywords   RNA 
_struct_keywords.text            'RNA, TANDEM G:A MISMATCH, RIBONUCLEIC ACID' 
# 
loop_
_struct_asym.id 
_struct_asym.pdbx_blank_PDB_chainid_flag 
_struct_asym.pdbx_modified 
_struct_asym.entity_id 
_struct_asym.details 
A N N 1 ? 
B N N 1 ? 
# 
_struct_ref.id                         1 
_struct_ref.entity_id                  1 
_struct_ref.db_name                    PDB 
_struct_ref.db_code                    1MIS 
_struct_ref.pdbx_db_accession          1MIS 
_struct_ref.pdbx_db_isoform            ? 
_struct_ref.pdbx_seq_one_letter_code   ? 
_struct_ref.pdbx_align_begin           ? 
# 
loop_
_struct_ref_seq.align_id 
_struct_ref_seq.ref_id 
_struct_ref_seq.pdbx_PDB_id_code 
_struct_ref_seq.pdbx_strand_id 
_struct_ref_seq.seq_align_beg 
_struct_ref_seq.pdbx_seq_align_beg_ins_code 
_struct_ref_seq.seq_align_end 
_struct_ref_seq.pdbx_seq_align_end_ins_code 
_struct_ref_seq.pdbx_db_accession 
_struct_ref_seq.db_align_beg 
_struct_ref_seq.pdbx_db_align_beg_ins_code 
_struct_ref_seq.db_align_end 
_struct_ref_seq.pdbx_db_align_end_ins_code 
_struct_ref_seq.pdbx_auth_seq_align_beg 
_struct_ref_seq.pdbx_auth_seq_align_end 
1 1 1MIS A 1 ? 8 ? 1MIS 1 ? 8  ? 1 8  
2 1 1MIS B 1 ? 8 ? 1MIS 9 ? 16 ? 9 16 
# 
_pdbx_struct_assembly.id                   1 
_pdbx_struct_assembly.details              author_defined_assembly 
_pdbx_struct_assembly.method_details       ? 
_pdbx_struct_assembly.oligomeric_details   dimeric 
_pdbx_struct_assembly.oligomeric_count     2 
# 
_pdbx_struct_assembly_gen.assembly_id       1 
_pdbx_struct_assembly_gen.oper_expression   1 
_pdbx_struct_assembly_gen.asym_id_list      A,B 
# 
_pdbx_struct_oper_list.id                   1 
_pdbx_struct_oper_list.type                 'identity operation' 
_pdbx_struct_oper_list.name                 1_555 
_pdbx_struct_oper_list.symmetry_operation   x,y,z 
_pdbx_struct_oper_list.matrix[1][1]         1.0000000000 
_pdbx_struct_oper_list.matrix[1][2]         0.0000000000 
_pdbx_struct_oper_list.matrix[1][3]         0.0000000000 
_pdbx_struct_oper_list.vector[1]            0.0000000000 
_pdbx_struct_oper_list.matrix[2][1]         0.0000000000 
_pdbx_struct_oper_list.matrix[2][2]         1.0000000000 
_pdbx_struct_oper_list.matrix[2][3]         0.0000000000 
_pdbx_struct_oper_list.vector[2]            0.0000000000 
_pdbx_struct_oper_list.matrix[3][1]         0.0000000000 
_pdbx_struct_oper_list.matrix[3][2]         0.0000000000 
_pdbx_struct_oper_list.matrix[3][3]         1.0000000000 
_pdbx_struct_oper_list.vector[3]            0.0000000000 
# 
_struct_biol.id   1 
# 
loop_
_struct_conn.id 
_struct_conn.conn_type_id 
_struct_conn.pdbx_leaving_atom_flag 
_struct_conn.pdbx_PDB_id 
_struct_conn.ptnr1_label_asym_id 
_struct_conn.ptnr1_label_comp_id 
_struct_conn.ptnr1_label_seq_id 
_struct_conn.ptnr1_label_atom_id 
_struct_conn.pdbx_ptnr1_label_alt_id 
_struct_conn.pdbx_ptnr1_PDB_ins_code 
_struct_conn.pdbx_ptnr1_standard_comp_id 
_struct_conn.ptnr1_symmetry 
_struct_conn.ptnr2_label_asym_id 
_struct_conn.ptnr2_label_comp_id 
_struct_conn.ptnr2_label_seq_id 
_struct_conn.ptnr2_label_atom_id 
_struct_conn.pdbx_ptnr2_label_alt_id 
_struct_conn.pdbx_ptnr2_PDB_ins_code 
_struct_conn.ptnr1_auth_asym_id 
_struct_conn.ptnr1_auth_comp_id 
_struct_conn.ptnr1_auth_seq_id 
_struct_conn.ptnr2_auth_asym_id 
_struct_conn.ptnr2_auth_comp_id 
_struct_conn.ptnr2_auth_seq_id 
_struct_conn.ptnr2_symmetry 
_struct_conn.pdbx_ptnr3_label_atom_id 
_struct_conn.pdbx_ptnr3_label_seq_id 
_struct_conn.pdbx_ptnr3_label_comp_id 
_struct_conn.pdbx_ptnr3_label_asym_id 
_struct_conn.pdbx_ptnr3_label_alt_id 
_struct_conn.pdbx_ptnr3_PDB_ins_code 
_struct_conn.details 
_struct_conn.pdbx_dist_value 
_struct_conn.pdbx_value_order 
_struct_conn.pdbx_role 
hydrog1  hydrog ? ? A G 1 N1 ? ? ? 1_555 B C 8 N3 ? ? A G 1 B C 16 1_555 ? ? ? ? ? ? WATSON-CRICK  ? ? ? 
hydrog2  hydrog ? ? A G 1 N2 ? ? ? 1_555 B C 8 O2 ? ? A G 1 B C 16 1_555 ? ? ? ? ? ? WATSON-CRICK  ? ? ? 
hydrog3  hydrog ? ? A G 1 O6 ? ? ? 1_555 B C 8 N4 ? ? A G 1 B C 16 1_555 ? ? ? ? ? ? WATSON-CRICK  ? ? ? 
hydrog4  hydrog ? ? A C 2 N3 ? ? ? 1_555 B G 7 N1 ? ? A C 2 B G 15 1_555 ? ? ? ? ? ? WATSON-CRICK  ? ? ? 
hydrog5  hydrog ? ? A C 2 N4 ? ? ? 1_555 B G 7 O6 ? ? A C 2 B G 15 1_555 ? ? ? ? ? ? WATSON-CRICK  ? ? ? 
hydrog6  hydrog ? ? A C 2 O2 ? ? ? 1_555 B G 7 N2 ? ? A C 2 B G 15 1_555 ? ? ? ? ? ? WATSON-CRICK  ? ? ? 
hydrog7  hydrog ? ? A G 3 N1 ? ? ? 1_555 B C 6 N3 ? ? A G 3 B C 14 1_555 ? ? ? ? ? ? WATSON-CRICK  ? ? ? 
hydrog8  hydrog ? ? A G 3 N2 ? ? ? 1_555 B C 6 O2 ? ? A G 3 B C 14 1_555 ? ? ? ? ? ? WATSON-CRICK  ? ? ? 
hydrog9  hydrog ? ? A G 3 O6 ? ? ? 1_555 B C 6 N4 ? ? A G 3 B C 14 1_555 ? ? ? ? ? ? WATSON-CRICK  ? ? ? 
hydrog10 hydrog ? ? A G 4 N1 ? ? ? 1_555 B A 5 N1 ? ? A G 4 B A 13 1_555 ? ? ? ? ? ? TYPE_8_PAIR   ? ? ? 
hydrog11 hydrog ? ? A G 4 O6 ? ? ? 1_555 B A 5 N6 ? ? A G 4 B A 13 1_555 ? ? ? ? ? ? TYPE_8_PAIR   ? ? ? 
hydrog12 hydrog ? ? A A 5 N6 ? ? ? 1_555 B G 3 O6 ? ? A A 5 B G 11 1_555 ? ? ? ? ? ? 'A-G MISPAIR' ? ? ? 
hydrog13 hydrog ? ? A A 5 N1 ? ? ? 1_555 B G 4 N1 ? ? A A 5 B G 12 1_555 ? ? ? ? ? ? TYPE_8_PAIR   ? ? ? 
hydrog14 hydrog ? ? A A 5 N6 ? ? ? 1_555 B G 4 O6 ? ? A A 5 B G 12 1_555 ? ? ? ? ? ? TYPE_8_PAIR   ? ? ? 
hydrog15 hydrog ? ? A C 6 N3 ? ? ? 1_555 B G 3 N1 ? ? A C 6 B G 11 1_555 ? ? ? ? ? ? WATSON-CRICK  ? ? ? 
hydrog16 hydrog ? ? A C 6 N4 ? ? ? 1_555 B G 3 O6 ? ? A C 6 B G 11 1_555 ? ? ? ? ? ? WATSON-CRICK  ? ? ? 
hydrog17 hydrog ? ? A C 6 O2 ? ? ? 1_555 B G 3 N2 ? ? A C 6 B G 11 1_555 ? ? ? ? ? ? WATSON-CRICK  ? ? ? 
hydrog18 hydrog ? ? A G 7 N1 ? ? ? 1_555 B C 2 N3 ? ? A G 7 B C 10 1_555 ? ? ? ? ? ? WATSON-CRICK  ? ? ? 
hydrog19 hydrog ? ? A G 7 N2 ? ? ? 1_555 B C 2 O2 ? ? A G 7 B C 10 1_555 ? ? ? ? ? ? WATSON-CRICK  ? ? ? 
hydrog20 hydrog ? ? A G 7 O6 ? ? ? 1_555 B C 2 N4 ? ? A G 7 B C 10 1_555 ? ? ? ? ? ? WATSON-CRICK  ? ? ? 
hydrog21 hydrog ? ? A C 8 N3 ? ? ? 1_555 B G 1 N1 ? ? A C 8 B G 9  1_555 ? ? ? ? ? ? WATSON-CRICK  ? ? ? 
hydrog22 hydrog ? ? A C 8 N4 ? ? ? 1_555 B G 1 O6 ? ? A C 8 B G 9  1_555 ? ? ? ? ? ? WATSON-CRICK  ? ? ? 
hydrog23 hydrog ? ? A C 8 O2 ? ? ? 1_555 B G 1 N2 ? ? A C 8 B G 9  1_555 ? ? ? ? ? ? WATSON-CRICK  ? ? ? 
# 
_struct_conn_type.id          hydrog 
_struct_conn_type.criteria    ? 
_struct_conn_type.reference   ? 
# 
_pdbx_nmr_ensemble.entry_id                             1MIS 
_pdbx_nmr_ensemble.conformers_calculated_total_number   ? 
_pdbx_nmr_ensemble.conformers_submitted_total_number    1 
_pdbx_nmr_ensemble.conformer_selection_criteria         'MINIMIZED AVERAGE : STRUCTURE' 
# 
_pdbx_nmr_software.classification   refinement 
_pdbx_nmr_software.name             'DISCOVER, AMBER FORCE FIELD' 
_pdbx_nmr_software.version          FIELD 
_pdbx_nmr_software.authors          'BIOSYM TECHNOLOGIES, INC.' 
_pdbx_nmr_software.ordinal          1 
# 
loop_
_chem_comp_atom.comp_id 
_chem_comp_atom.atom_id 
_chem_comp_atom.type_symbol 
_chem_comp_atom.pdbx_aromatic_flag 
_chem_comp_atom.pdbx_stereo_config 
_chem_comp_atom.pdbx_ordinal 
A OP3    O N N 1   
A P      P N N 2   
A OP1    O N N 3   
A OP2    O N N 4   
A "O5'"  O N N 5   
A "C5'"  C N N 6   
A "C4'"  C N R 7   
A "O4'"  O N N 8   
A "C3'"  C N S 9   
A "O3'"  O N N 10  
A "C2'"  C N R 11  
A "O2'"  O N N 12  
A "C1'"  C N R 13  
A N9     N Y N 14  
A C8     C Y N 15  
A N7     N Y N 16  
A C5     C Y N 17  
A C6     C Y N 18  
A N6     N N N 19  
A N1     N Y N 20  
A C2     C Y N 21  
A N3     N Y N 22  
A C4     C Y N 23  
A HOP3   H N N 24  
A HOP2   H N N 25  
A "H5'"  H N N 26  
A "H5''" H N N 27  
A "H4'"  H N N 28  
A "H3'"  H N N 29  
A "HO3'" H N N 30  
A "H2'"  H N N 31  
A "HO2'" H N N 32  
A "H1'"  H N N 33  
A H8     H N N 34  
A H61    H N N 35  
A H62    H N N 36  
A H2     H N N 37  
C OP3    O N N 38  
C P      P N N 39  
C OP1    O N N 40  
C OP2    O N N 41  
C "O5'"  O N N 42  
C "C5'"  C N N 43  
C "C4'"  C N R 44  
C "O4'"  O N N 45  
C "C3'"  C N S 46  
C "O3'"  O N N 47  
C "C2'"  C N R 48  
C "O2'"  O N N 49  
C "C1'"  C N R 50  
C N1     N N N 51  
C C2     C N N 52  
C O2     O N N 53  
C N3     N N N 54  
C C4     C N N 55  
C N4     N N N 56  
C C5     C N N 57  
C C6     C N N 58  
C HOP3   H N N 59  
C HOP2   H N N 60  
C "H5'"  H N N 61  
C "H5''" H N N 62  
C "H4'"  H N N 63  
C "H3'"  H N N 64  
C "HO3'" H N N 65  
C "H2'"  H N N 66  
C "HO2'" H N N 67  
C "H1'"  H N N 68  
C H41    H N N 69  
C H42    H N N 70  
C H5     H N N 71  
C H6     H N N 72  
G OP3    O N N 73  
G P      P N N 74  
G OP1    O N N 75  
G OP2    O N N 76  
G "O5'"  O N N 77  
G "C5'"  C N N 78  
G "C4'"  C N R 79  
G "O4'"  O N N 80  
G "C3'"  C N S 81  
G "O3'"  O N N 82  
G "C2'"  C N R 83  
G "O2'"  O N N 84  
G "C1'"  C N R 85  
G N9     N Y N 86  
G C8     C Y N 87  
G N7     N Y N 88  
G C5     C Y N 89  
G C6     C N N 90  
G O6     O N N 91  
G N1     N N N 92  
G C2     C N N 93  
G N2     N N N 94  
G N3     N N N 95  
G C4     C Y N 96  
G HOP3   H N N 97  
G HOP2   H N N 98  
G "H5'"  H N N 99  
G "H5''" H N N 100 
G "H4'"  H N N 101 
G "H3'"  H N N 102 
G "HO3'" H N N 103 
G "H2'"  H N N 104 
G "HO2'" H N N 105 
G "H1'"  H N N 106 
G H8     H N N 107 
G H1     H N N 108 
G H21    H N N 109 
G H22    H N N 110 
# 
loop_
_chem_comp_bond.comp_id 
_chem_comp_bond.atom_id_1 
_chem_comp_bond.atom_id_2 
_chem_comp_bond.value_order 
_chem_comp_bond.pdbx_aromatic_flag 
_chem_comp_bond.pdbx_stereo_config 
_chem_comp_bond.pdbx_ordinal 
A OP3   P      sing N N 1   
A OP3   HOP3   sing N N 2   
A P     OP1    doub N N 3   
A P     OP2    sing N N 4   
A P     "O5'"  sing N N 5   
A OP2   HOP2   sing N N 6   
A "O5'" "C5'"  sing N N 7   
A "C5'" "C4'"  sing N N 8   
A "C5'" "H5'"  sing N N 9   
A "C5'" "H5''" sing N N 10  
A "C4'" "O4'"  sing N N 11  
A "C4'" "C3'"  sing N N 12  
A "C4'" "H4'"  sing N N 13  
A "O4'" "C1'"  sing N N 14  
A "C3'" "O3'"  sing N N 15  
A "C3'" "C2'"  sing N N 16  
A "C3'" "H3'"  sing N N 17  
A "O3'" "HO3'" sing N N 18  
A "C2'" "O2'"  sing N N 19  
A "C2'" "C1'"  sing N N 20  
A "C2'" "H2'"  sing N N 21  
A "O2'" "HO2'" sing N N 22  
A "C1'" N9     sing N N 23  
A "C1'" "H1'"  sing N N 24  
A N9    C8     sing Y N 25  
A N9    C4     sing Y N 26  
A C8    N7     doub Y N 27  
A C8    H8     sing N N 28  
A N7    C5     sing Y N 29  
A C5    C6     sing Y N 30  
A C5    C4     doub Y N 31  
A C6    N6     sing N N 32  
A C6    N1     doub Y N 33  
A N6    H61    sing N N 34  
A N6    H62    sing N N 35  
A N1    C2     sing Y N 36  
A C2    N3     doub Y N 37  
A C2    H2     sing N N 38  
A N3    C4     sing Y N 39  
C OP3   P      sing N N 40  
C OP3   HOP3   sing N N 41  
C P     OP1    doub N N 42  
C P     OP2    sing N N 43  
C P     "O5'"  sing N N 44  
C OP2   HOP2   sing N N 45  
C "O5'" "C5'"  sing N N 46  
C "C5'" "C4'"  sing N N 47  
C "C5'" "H5'"  sing N N 48  
C "C5'" "H5''" sing N N 49  
C "C4'" "O4'"  sing N N 50  
C "C4'" "C3'"  sing N N 51  
C "C4'" "H4'"  sing N N 52  
C "O4'" "C1'"  sing N N 53  
C "C3'" "O3'"  sing N N 54  
C "C3'" "C2'"  sing N N 55  
C "C3'" "H3'"  sing N N 56  
C "O3'" "HO3'" sing N N 57  
C "C2'" "O2'"  sing N N 58  
C "C2'" "C1'"  sing N N 59  
C "C2'" "H2'"  sing N N 60  
C "O2'" "HO2'" sing N N 61  
C "C1'" N1     sing N N 62  
C "C1'" "H1'"  sing N N 63  
C N1    C2     sing N N 64  
C N1    C6     sing N N 65  
C C2    O2     doub N N 66  
C C2    N3     sing N N 67  
C N3    C4     doub N N 68  
C C4    N4     sing N N 69  
C C4    C5     sing N N 70  
C N4    H41    sing N N 71  
C N4    H42    sing N N 72  
C C5    C6     doub N N 73  
C C5    H5     sing N N 74  
C C6    H6     sing N N 75  
G OP3   P      sing N N 76  
G OP3   HOP3   sing N N 77  
G P     OP1    doub N N 78  
G P     OP2    sing N N 79  
G P     "O5'"  sing N N 80  
G OP2   HOP2   sing N N 81  
G "O5'" "C5'"  sing N N 82  
G "C5'" "C4'"  sing N N 83  
G "C5'" "H5'"  sing N N 84  
G "C5'" "H5''" sing N N 85  
G "C4'" "O4'"  sing N N 86  
G "C4'" "C3'"  sing N N 87  
G "C4'" "H4'"  sing N N 88  
G "O4'" "C1'"  sing N N 89  
G "C3'" "O3'"  sing N N 90  
G "C3'" "C2'"  sing N N 91  
G "C3'" "H3'"  sing N N 92  
G "O3'" "HO3'" sing N N 93  
G "C2'" "O2'"  sing N N 94  
G "C2'" "C1'"  sing N N 95  
G "C2'" "H2'"  sing N N 96  
G "O2'" "HO2'" sing N N 97  
G "C1'" N9     sing N N 98  
G "C1'" "H1'"  sing N N 99  
G N9    C8     sing Y N 100 
G N9    C4     sing Y N 101 
G C8    N7     doub Y N 102 
G C8    H8     sing N N 103 
G N7    C5     sing Y N 104 
G C5    C6     sing N N 105 
G C5    C4     doub Y N 106 
G C6    O6     doub N N 107 
G C6    N1     sing N N 108 
G N1    C2     sing N N 109 
G N1    H1     sing N N 110 
G C2    N2     sing N N 111 
G C2    N3     doub N N 112 
G N2    H21    sing N N 113 
G N2    H22    sing N N 114 
G N3    C4     sing N N 115 
# 
loop_
_ndb_struct_conf_na.entry_id 
_ndb_struct_conf_na.feature 
1MIS 'a-form double helix'  
1MIS 'mismatched base pair' 
# 
loop_
_ndb_struct_na_base_pair.model_number 
_ndb_struct_na_base_pair.i_label_asym_id 
_ndb_struct_na_base_pair.i_label_comp_id 
_ndb_struct_na_base_pair.i_label_seq_id 
_ndb_struct_na_base_pair.i_symmetry 
_ndb_struct_na_base_pair.j_label_asym_id 
_ndb_struct_na_base_pair.j_label_comp_id 
_ndb_struct_na_base_pair.j_label_seq_id 
_ndb_struct_na_base_pair.j_symmetry 
_ndb_struct_na_base_pair.shear 
_ndb_struct_na_base_pair.stretch 
_ndb_struct_na_base_pair.stagger 
_ndb_struct_na_base_pair.buckle 
_ndb_struct_na_base_pair.propeller 
_ndb_struct_na_base_pair.opening 
_ndb_struct_na_base_pair.pair_number 
_ndb_struct_na_base_pair.pair_name 
_ndb_struct_na_base_pair.i_auth_asym_id 
_ndb_struct_na_base_pair.i_auth_seq_id 
_ndb_struct_na_base_pair.i_PDB_ins_code 
_ndb_struct_na_base_pair.j_auth_asym_id 
_ndb_struct_na_base_pair.j_auth_seq_id 
_ndb_struct_na_base_pair.j_PDB_ins_code 
_ndb_struct_na_base_pair.hbond_type_28 
_ndb_struct_na_base_pair.hbond_type_12 
1 A G 1 1_555 B C 8 1_555 -0.670 -0.268 0.535 5.599  -12.231 -4.806  1 A_G1:C16_B A 1 ? B 16 ? 19 1 
1 A C 2 1_555 B G 7 1_555 -0.431 -0.064 0.404 -3.908 -16.533 -3.645  2 A_C2:G15_B A 2 ? B 15 ? 19 1 
1 A G 3 1_555 B C 6 1_555 -0.638 -0.359 0.801 1.461  -13.388 -6.433  3 A_G3:C14_B A 3 ? B 14 ? 19 1 
1 A G 4 1_555 B A 5 1_555 -1.198 1.304  0.040 9.533  -20.517 -19.282 4 A_G4:A13_B A 4 ? B 13 ? 8  ? 
1 A A 5 1_555 B G 4 1_555 1.223  1.307  0.049 -9.910 -20.612 -19.191 5 A_A5:G12_B A 5 ? B 12 ? 8  ? 
1 A C 6 1_555 B G 3 1_555 0.647  -0.376 0.817 -1.820 -14.006 -6.776  6 A_C6:G11_B A 6 ? B 11 ? 19 1 
1 A G 7 1_555 B C 2 1_555 0.444  -0.050 0.388 3.980  -14.984 -3.511  7 A_G7:C10_B A 7 ? B 10 ? 19 1 
1 A C 8 1_555 B G 1 1_555 0.646  -0.229 0.479 -4.276 -10.376 -4.158  8 A_C8:G9_B  A 8 ? B 9  ? 19 1 
# 
loop_
_ndb_struct_na_base_pair_step.model_number 
_ndb_struct_na_base_pair_step.i_label_asym_id_1 
_ndb_struct_na_base_pair_step.i_label_comp_id_1 
_ndb_struct_na_base_pair_step.i_label_seq_id_1 
_ndb_struct_na_base_pair_step.i_symmetry_1 
_ndb_struct_na_base_pair_step.j_label_asym_id_1 
_ndb_struct_na_base_pair_step.j_label_comp_id_1 
_ndb_struct_na_base_pair_step.j_label_seq_id_1 
_ndb_struct_na_base_pair_step.j_symmetry_1 
_ndb_struct_na_base_pair_step.i_label_asym_id_2 
_ndb_struct_na_base_pair_step.i_label_comp_id_2 
_ndb_struct_na_base_pair_step.i_label_seq_id_2 
_ndb_struct_na_base_pair_step.i_symmetry_2 
_ndb_struct_na_base_pair_step.j_label_asym_id_2 
_ndb_struct_na_base_pair_step.j_label_comp_id_2 
_ndb_struct_na_base_pair_step.j_label_seq_id_2 
_ndb_struct_na_base_pair_step.j_symmetry_2 
_ndb_struct_na_base_pair_step.shift 
_ndb_struct_na_base_pair_step.slide 
_ndb_struct_na_base_pair_step.rise 
_ndb_struct_na_base_pair_step.tilt 
_ndb_struct_na_base_pair_step.roll 
_ndb_struct_na_base_pair_step.twist 
_ndb_struct_na_base_pair_step.x_displacement 
_ndb_struct_na_base_pair_step.y_displacement 
_ndb_struct_na_base_pair_step.helical_rise 
_ndb_struct_na_base_pair_step.inclination 
_ndb_struct_na_base_pair_step.tip 
_ndb_struct_na_base_pair_step.helical_twist 
_ndb_struct_na_base_pair_step.step_number 
_ndb_struct_na_base_pair_step.step_name 
_ndb_struct_na_base_pair_step.i_auth_asym_id_1 
_ndb_struct_na_base_pair_step.i_auth_seq_id_1 
_ndb_struct_na_base_pair_step.i_PDB_ins_code_1 
_ndb_struct_na_base_pair_step.j_auth_asym_id_1 
_ndb_struct_na_base_pair_step.j_auth_seq_id_1 
_ndb_struct_na_base_pair_step.j_PDB_ins_code_1 
_ndb_struct_na_base_pair_step.i_auth_asym_id_2 
_ndb_struct_na_base_pair_step.i_auth_seq_id_2 
_ndb_struct_na_base_pair_step.i_PDB_ins_code_2 
_ndb_struct_na_base_pair_step.j_auth_asym_id_2 
_ndb_struct_na_base_pair_step.j_auth_seq_id_2 
_ndb_struct_na_base_pair_step.j_PDB_ins_code_2 
1 A G 1 1_555 B C 8 1_555 A C 2 1_555 B G 7 1_555 -0.056 -1.605 3.221 -0.348 10.261 35.115 -3.861 0.045  2.664 16.575 0.562   
36.540 1 AA_G1C2:G15C16_BB A 1 ? B 16 ? A 2 ? B 15 ? 
1 A C 2 1_555 B G 7 1_555 A G 3 1_555 B C 6 1_555 -0.085 -1.804 2.693 -3.540 7.084  32.300 -4.064 -0.305 2.254 12.500 6.247   
33.232 2 AA_C2G3:C14G15_BB A 2 ? B 15 ? A 3 ? B 14 ? 
1 A G 3 1_555 B C 6 1_555 A G 4 1_555 B A 5 1_555 -0.852 -1.913 2.946 6.575  -2.870 34.043 -2.807 2.330  2.883 -4.836 -11.078 
34.769 3 AA_G3G4:A13C14_BB A 3 ? B 14 ? A 4 ? B 13 ? 
1 A G 4 1_555 B A 5 1_555 A A 5 1_555 B G 4 1_555 0.006  -2.117 3.540 0.019  10.911 31.780 -5.421 -0.008 2.687 19.230 -0.034  
33.555 4 AA_G4A5:G12A13_BB A 4 ? B 13 ? A 5 ? B 12 ? 
1 A A 5 1_555 B G 4 1_555 A C 6 1_555 B G 3 1_555 0.832  -1.893 2.947 -6.439 -3.080 33.980 -2.747 -2.287 2.901 -5.200 10.869  
34.700 5 AA_A5C6:G11G12_BB A 5 ? B 12 ? A 6 ? B 11 ? 
1 A C 6 1_555 B G 3 1_555 A G 7 1_555 B C 2 1_555 0.089  -1.784 2.709 3.629  5.874  31.881 -3.977 0.334  2.347 10.540 -6.511  
32.601 6 AA_C6G7:C10G11_BB A 6 ? B 11 ? A 7 ? B 10 ? 
1 A G 7 1_555 B C 2 1_555 A C 8 1_555 B G 1 1_555 0.060  -1.632 3.211 0.427  9.884  34.022 -4.016 -0.041 2.649 16.466 -0.711  
35.390 7 AA_G7C8:G9C10_BB  A 7 ? B 10 ? A 8 ? B 9  ? 
# 
_atom_sites.entry_id                    1MIS 
_atom_sites.fract_transf_matrix[1][1]   1.000000 
_atom_sites.fract_transf_matrix[1][2]   0.000000 
_atom_sites.fract_transf_matrix[1][3]   0.000000 
_atom_sites.fract_transf_matrix[2][1]   0.000000 
_atom_sites.fract_transf_matrix[2][2]   1.000000 
_atom_sites.fract_transf_matrix[2][3]   0.000000 
_atom_sites.fract_transf_matrix[3][1]   0.000000 
_atom_sites.fract_transf_matrix[3][2]   0.000000 
_atom_sites.fract_transf_matrix[3][3]   1.000000 
_atom_sites.fract_transf_vector[1]      0.00000 
_atom_sites.fract_transf_vector[2]      0.00000 
_atom_sites.fract_transf_vector[3]      0.00000 
# 
loop_
_atom_type.symbol 
C 
H 
N 
O 
P 
# 
loop_
_atom_site.group_PDB 
_atom_site.id 
_atom_site.type_symbol 
_atom_site.label_atom_id 
_atom_site.label_alt_id 
_atom_site.label_comp_id 
_atom_site.label_asym_id 
_atom_site.label_entity_id 
_atom_site.label_seq_id 
_atom_site.pdbx_PDB_ins_code 
_atom_site.Cartn_x 
_atom_site.Cartn_y 
_atom_site.Cartn_z 
_atom_site.occupancy 
_atom_site.B_iso_or_equiv 
_atom_site.pdbx_formal_charge 
_atom_site.auth_seq_id 
_atom_site.auth_comp_id 
_atom_site.auth_asym_id 
_atom_site.auth_atom_id 
_atom_site.pdbx_PDB_model_num 
ATOM 1   O "O5'"  . G A 1 1 ? -5.417  8.053   8.021   1.00 0.00 ? 1  G A "O5'"  1 
ATOM 2   C "C5'"  . G A 1 1 ? -5.523  9.407   8.400   1.00 0.00 ? 1  G A "C5'"  1 
ATOM 3   C "C4'"  . G A 1 1 ? -4.129  10.020  8.553   1.00 0.00 ? 1  G A "C4'"  1 
ATOM 4   O "O4'"  . G A 1 1 ? -3.389  9.392   9.603   1.00 0.00 ? 1  G A "O4'"  1 
ATOM 5   C "C3'"  . G A 1 1 ? -3.278  9.865   7.303   1.00 0.00 ? 1  G A "C3'"  1 
ATOM 6   O "O3'"  . G A 1 1 ? -3.624  10.799  6.293   1.00 0.00 ? 1  G A "O3'"  1 
ATOM 7   C "C2'"  . G A 1 1 ? -1.922  10.132  7.899   1.00 0.00 ? 1  G A "C2'"  1 
ATOM 8   O "O2'"  . G A 1 1 ? -1.795  11.508  8.192   1.00 0.00 ? 1  G A "O2'"  1 
ATOM 9   C "C1'"  . G A 1 1 ? -2.008  9.364   9.212   1.00 0.00 ? 1  G A "C1'"  1 
ATOM 10  N N9     . G A 1 1 ? -1.572  7.949   9.037   1.00 0.00 ? 1  G A N9     1 
ATOM 11  C C8     . G A 1 1 ? -2.332  6.797   8.913   1.00 0.00 ? 1  G A C8     1 
ATOM 12  N N7     . G A 1 1 ? -1.623  5.705   8.858   1.00 0.00 ? 1  G A N7     1 
ATOM 13  C C5     . G A 1 1 ? -0.309  6.146   8.947   1.00 0.00 ? 1  G A C5     1 
ATOM 14  C C6     . G A 1 1 ? 0.905   5.398   8.948   1.00 0.00 ? 1  G A C6     1 
ATOM 15  O O6     . G A 1 1 ? 1.049   4.179   8.881   1.00 0.00 ? 1  G A O6     1 
ATOM 16  N N1     . G A 1 1 ? 2.018   6.228   9.037   1.00 0.00 ? 1  G A N1     1 
ATOM 17  C C2     . G A 1 1 ? 1.974   7.604   9.128   1.00 0.00 ? 1  G A C2     1 
ATOM 18  N N2     . G A 1 1 ? 3.153   8.236   9.204   1.00 0.00 ? 1  G A N2     1 
ATOM 19  N N3     . G A 1 1 ? 0.836   8.309   9.142   1.00 0.00 ? 1  G A N3     1 
ATOM 20  C C4     . G A 1 1 ? -0.266  7.518   9.046   1.00 0.00 ? 1  G A C4     1 
ATOM 21  H "H5'"  . G A 1 1 ? -6.059  9.482   9.346   1.00 0.00 ? 1  G A "H5'"  1 
ATOM 22  H "H5''" . G A 1 1 ? -6.073  9.950   7.631   1.00 0.00 ? 1  G A "H5''" 1 
ATOM 23  H "H4'"  . G A 1 1 ? -4.220  11.082  8.785   1.00 0.00 ? 1  G A "H4'"  1 
ATOM 24  H "H3'"  . G A 1 1 ? -3.328  8.842   6.933   1.00 0.00 ? 1  G A "H3'"  1 
ATOM 25  H "H2'"  . G A 1 1 ? -1.105  9.798   7.282   1.00 0.00 ? 1  G A "H2'"  1 
ATOM 26  H "HO2'" . G A 1 1 ? -1.862  12.002  7.373   1.00 0.00 ? 1  G A "HO2'" 1 
ATOM 27  H "H1'"  . G A 1 1 ? -1.363  9.855   9.947   1.00 0.00 ? 1  G A "H1'"  1 
ATOM 28  H H8     . G A 1 1 ? -3.419  6.773   8.873   1.00 0.00 ? 1  G A H8     1 
ATOM 29  H H1     . G A 1 1 ? 2.923   5.778   9.037   1.00 0.00 ? 1  G A H1     1 
ATOM 30  H H21    . G A 1 1 ? 4.013   7.705   9.191   1.00 0.00 ? 1  G A H21    1 
ATOM 31  H H22    . G A 1 1 ? 3.183   9.243   9.272   1.00 0.00 ? 1  G A H22    1 
ATOM 32  H "HO5'" . G A 1 1 ? -6.303  7.693   7.929   1.00 0.00 ? 1  G A "HO5'" 1 
ATOM 33  P P      . C A 1 2 ? -3.224  10.538  4.743   1.00 0.00 ? 2  C A P      1 
ATOM 34  O OP1    . C A 1 2 ? -3.688  11.696  3.947   1.00 0.00 ? 2  C A OP1    1 
ATOM 35  O OP2    . C A 1 2 ? -3.672  9.175   4.381   1.00 0.00 ? 2  C A OP2    1 
ATOM 36  O "O5'"  . C A 1 2 ? -1.613  10.548  4.749   1.00 0.00 ? 2  C A "O5'"  1 
ATOM 37  C "C5'"  . C A 1 2 ? -0.889  11.757  4.818   1.00 0.00 ? 2  C A "C5'"  1 
ATOM 38  C "C4'"  . C A 1 2 ? 0.609   11.451  4.883   1.00 0.00 ? 2  C A "C4'"  1 
ATOM 39  O "O4'"  . C A 1 2 ? 0.930   10.663  6.028   1.00 0.00 ? 2  C A "O4'"  1 
ATOM 40  C "C3'"  . C A 1 2 ? 1.098   10.631  3.707   1.00 0.00 ? 2  C A "C3'"  1 
ATOM 41  O "O3'"  . C A 1 2 ? 1.218   11.386  2.515   1.00 0.00 ? 2  C A "O3'"  1 
ATOM 42  C "C2'"  . C A 1 2 ? 2.427   10.185  4.252   1.00 0.00 ? 2  C A "C2'"  1 
ATOM 43  O "O2'"  . C A 1 2 ? 3.318   11.280  4.314   1.00 0.00 ? 2  C A "O2'"  1 
ATOM 44  C "C1'"  . C A 1 2 ? 2.022   9.798   5.670   1.00 0.00 ? 2  C A "C1'"  1 
ATOM 45  N N1     . C A 1 2 ? 1.601   8.374   5.701   1.00 0.00 ? 2  C A N1     1 
ATOM 46  C C2     . C A 1 2 ? 2.601   7.406   5.689   1.00 0.00 ? 2  C A C2     1 
ATOM 47  O O2     . C A 1 2 ? 3.784   7.735   5.615   1.00 0.00 ? 2  C A O2     1 
ATOM 48  N N3     . C A 1 2 ? 2.229   6.097   5.760   1.00 0.00 ? 2  C A N3     1 
ATOM 49  C C4     . C A 1 2 ? 0.936   5.749   5.848   1.00 0.00 ? 2  C A C4     1 
ATOM 50  N N4     . C A 1 2 ? 0.615   4.449   5.911   1.00 0.00 ? 2  C A N4     1 
ATOM 51  C C5     . C A 1 2 ? -0.098  6.743   5.877   1.00 0.00 ? 2  C A C5     1 
ATOM 52  C C6     . C A 1 2 ? 0.285   8.027   5.794   1.00 0.00 ? 2  C A C6     1 
ATOM 53  H "H5'"  . C A 1 2 ? -1.182  12.314  5.705   1.00 0.00 ? 2  C A "H5'"  1 
ATOM 54  H "H5''" . C A 1 2 ? -1.098  12.356  3.931   1.00 0.00 ? 2  C A "H5''" 1 
ATOM 55  H "H4'"  . C A 1 2 ? 1.174   12.383  4.925   1.00 0.00 ? 2  C A "H4'"  1 
ATOM 56  H "H3'"  . C A 1 2 ? 0.454   9.767   3.574   1.00 0.00 ? 2  C A "H3'"  1 
ATOM 57  H "H2'"  . C A 1 2 ? 2.860   9.358   3.697   1.00 0.00 ? 2  C A "H2'"  1 
ATOM 58  H "HO2'" . C A 1 2 ? 3.456   11.612  3.426   1.00 0.00 ? 2  C A "HO2'" 1 
ATOM 59  H "H1'"  . C A 1 2 ? 2.836   9.932   6.355   1.00 0.00 ? 2  C A "H1'"  1 
ATOM 60  H H41    . C A 1 2 ? 1.342   3.748   5.899   1.00 0.00 ? 2  C A H41    1 
ATOM 61  H H42    . C A 1 2 ? -0.354  4.172   5.977   1.00 0.00 ? 2  C A H42    1 
ATOM 62  H H5     . C A 1 2 ? -1.144  6.524   5.985   1.00 0.00 ? 2  C A H5     1 
ATOM 63  H H6     . C A 1 2 ? -0.464  8.788   5.800   1.00 0.00 ? 2  C A H6     1 
ATOM 64  P P      . G A 1 3 ? 1.253   10.654  1.066   1.00 0.00 ? 3  G A P      1 
ATOM 65  O OP1    . G A 1 3 ? 1.404   11.698  0.028   1.00 0.00 ? 3  G A OP1    1 
ATOM 66  O OP2    . G A 1 3 ? 0.109   9.719   1.002   1.00 0.00 ? 3  G A OP2    1 
ATOM 67  O "O5'"  . G A 1 3 ? 2.609   9.780   1.098   1.00 0.00 ? 3  G A "O5'"  1 
ATOM 68  C "C5'"  . G A 1 3 ? 3.873   10.394  0.964   1.00 0.00 ? 3  G A "C5'"  1 
ATOM 69  C "C4'"  . G A 1 3 ? 4.968   9.329   1.036   1.00 0.00 ? 3  G A "C4'"  1 
ATOM 70  O "O4'"  . G A 1 3 ? 4.878   8.582   2.255   1.00 0.00 ? 3  G A "O4'"  1 
ATOM 71  C "C3'"  . G A 1 3 ? 4.862   8.306   -0.081  1.00 0.00 ? 3  G A "C3'"  1 
ATOM 72  O "O3'"  . G A 1 3 ? 5.403   8.786   -1.301  1.00 0.00 ? 3  G A "O3'"  1 
ATOM 73  C "C2'"  . G A 1 3 ? 5.671   7.172   0.508   1.00 0.00 ? 3  G A "C2'"  1 
ATOM 74  O "O2'"  . G A 1 3 ? 7.049   7.452   0.382   1.00 0.00 ? 3  G A "O2'"  1 
ATOM 75  C "C1'"  . G A 1 3 ? 5.290   7.229   1.989   1.00 0.00 ? 3  G A "C1'"  1 
ATOM 76  N N9     . G A 1 3 ? 4.178   6.283   2.270   1.00 0.00 ? 3  G A N9     1 
ATOM 77  C C8     . G A 1 3 ? 2.842   6.537   2.483   1.00 0.00 ? 3  G A C8     1 
ATOM 78  N N7     . G A 1 3 ? 2.137   5.474   2.751   1.00 0.00 ? 3  G A N7     1 
ATOM 79  C C5     . G A 1 3 ? 3.063   4.439   2.723   1.00 0.00 ? 3  G A C5     1 
ATOM 80  C C6     . G A 1 3 ? 2.882   3.045   2.967   1.00 0.00 ? 3  G A C6     1 
ATOM 81  O O6     . G A 1 3 ? 1.845   2.448   3.245   1.00 0.00 ? 3  G A O6     1 
ATOM 82  N N1     . G A 1 3 ? 4.083   2.348   2.865   1.00 0.00 ? 3  G A N1     1 
ATOM 83  C C2     . G A 1 3 ? 5.305   2.916   2.561   1.00 0.00 ? 3  G A C2     1 
ATOM 84  N N2     . G A 1 3 ? 6.356   2.086   2.515   1.00 0.00 ? 3  G A N2     1 
ATOM 85  N N3     . G A 1 3 ? 5.476   4.224   2.329   1.00 0.00 ? 3  G A N3     1 
ATOM 86  C C4     . G A 1 3 ? 4.316   4.924   2.428   1.00 0.00 ? 3  G A C4     1 
ATOM 87  H "H5'"  . G A 1 3 ? 4.018   11.115  1.766   1.00 0.00 ? 3  G A "H5'"  1 
ATOM 88  H "H5''" . G A 1 3 ? 3.932   10.907  0.004   1.00 0.00 ? 3  G A "H5''" 1 
ATOM 89  H "H4'"  . G A 1 3 ? 5.945   9.815   0.977   1.00 0.00 ? 3  G A "H4'"  1 
ATOM 90  H "H3'"  . G A 1 3 ? 3.825   8.003   -0.212  1.00 0.00 ? 3  G A "H3'"  1 
ATOM 91  H "H2'"  . G A 1 3 ? 5.429   6.215   0.064   1.00 0.00 ? 3  G A "H2'"  1 
ATOM 92  H "HO2'" . G A 1 3 ? 7.230   8.294   0.804   1.00 0.00 ? 3  G A "HO2'" 1 
ATOM 93  H "H1'"  . G A 1 3 ? 6.146   6.949   2.608   1.00 0.00 ? 3  G A "H1'"  1 
ATOM 94  H H8     . G A 1 3 ? 2.406   7.522   2.446   1.00 0.00 ? 3  G A H8     1 
ATOM 95  H H1     . G A 1 3 ? 4.047   1.352   3.031   1.00 0.00 ? 3  G A H1     1 
ATOM 96  H H21    . G A 1 3 ? 6.229   1.100   2.694   1.00 0.00 ? 3  G A H21    1 
ATOM 97  H H22    . G A 1 3 ? 7.274   2.447   2.300   1.00 0.00 ? 3  G A H22    1 
ATOM 98  P P      . G A 1 4 ? 5.140   8.003   -2.697  1.00 0.00 ? 4  G A P      1 
ATOM 99  O OP1    . G A 1 4 ? 5.671   8.838   -3.799  1.00 0.00 ? 4  G A OP1    1 
ATOM 100 O OP2    . G A 1 4 ? 3.725   7.573   -2.722  1.00 0.00 ? 4  G A OP2    1 
ATOM 101 O "O5'"  . G A 1 4 ? 6.062   6.684   -2.582  1.00 0.00 ? 4  G A "O5'"  1 
ATOM 102 C "C5'"  . G A 1 4 ? 7.465   6.764   -2.726  1.00 0.00 ? 4  G A "C5'"  1 
ATOM 103 C "C4'"  . G A 1 4 ? 8.087   5.377   -2.557  1.00 0.00 ? 4  G A "C4'"  1 
ATOM 104 O "O4'"  . G A 1 4 ? 7.749   4.796   -1.297  1.00 0.00 ? 4  G A "O4'"  1 
ATOM 105 C "C3'"  . G A 1 4 ? 7.639   4.387   -3.606  1.00 0.00 ? 4  G A "C3'"  1 
ATOM 106 O "O3'"  . G A 1 4 ? 8.305   4.559   -4.844  1.00 0.00 ? 4  G A "O3'"  1 
ATOM 107 C "C2'"  . G A 1 4 ? 8.025   3.108   -2.936  1.00 0.00 ? 4  G A "C2'"  1 
ATOM 108 O "O2'"  . G A 1 4 ? 9.427   2.943   -2.992  1.00 0.00 ? 4  G A "O2'"  1 
ATOM 109 C "C1'"  . G A 1 4 ? 7.608   3.382   -1.491  1.00 0.00 ? 4  G A "C1'"  1 
ATOM 110 N N9     . G A 1 4 ? 6.197   3.001   -1.246  1.00 0.00 ? 4  G A N9     1 
ATOM 111 C C8     . G A 1 4 ? 5.051   3.739   -1.427  1.00 0.00 ? 4  G A C8     1 
ATOM 112 N N7     . G A 1 4 ? 3.971   3.161   -0.992  1.00 0.00 ? 4  G A N7     1 
ATOM 113 C C5     . G A 1 4 ? 4.420   1.945   -0.495  1.00 0.00 ? 4  G A C5     1 
ATOM 114 C C6     . G A 1 4 ? 3.691   0.886   0.114   1.00 0.00 ? 4  G A C6     1 
ATOM 115 O O6     . G A 1 4 ? 2.487   0.831   0.352   1.00 0.00 ? 4  G A O6     1 
ATOM 116 N N1     . G A 1 4 ? 4.519   -0.180  0.446   1.00 0.00 ? 4  G A N1     1 
ATOM 117 C C2     . G A 1 4 ? 5.883   -0.220  0.231   1.00 0.00 ? 4  G A C2     1 
ATOM 118 N N2     . G A 1 4 ? 6.517   -1.339  0.604   1.00 0.00 ? 4  G A N2     1 
ATOM 119 N N3     . G A 1 4 ? 6.574   0.783   -0.322  1.00 0.00 ? 4  G A N3     1 
ATOM 120 C C4     . G A 1 4 ? 5.780   1.829   -0.664  1.00 0.00 ? 4  G A C4     1 
ATOM 121 H "H5'"  . G A 1 4 ? 7.872   7.439   -1.973  1.00 0.00 ? 4  G A "H5'"  1 
ATOM 122 H "H5''" . G A 1 4 ? 7.705   7.142   -3.718  1.00 0.00 ? 4  G A "H5''" 1 
ATOM 123 H "H4'"  . G A 1 4 ? 9.164   5.449   -2.624  1.00 0.00 ? 4  G A "H4'"  1 
ATOM 124 H "H3'"  . G A 1 4 ? 6.567   4.411   -3.723  1.00 0.00 ? 4  G A "H3'"  1 
ATOM 125 H "H2'"  . G A 1 4 ? 7.526   2.264   -3.374  1.00 0.00 ? 4  G A "H2'"  1 
ATOM 126 H "HO2'" . G A 1 4 ? 9.660   2.152   -2.499  1.00 0.00 ? 4  G A "HO2'" 1 
ATOM 127 H "H1'"  . G A 1 4 ? 8.239   2.824   -0.805  1.00 0.00 ? 4  G A "H1'"  1 
ATOM 128 H H8     . G A 1 4 ? 5.038   4.713   -1.877  1.00 0.00 ? 4  G A H8     1 
ATOM 129 H H1     . G A 1 4 ? 4.082   -0.978  0.879   1.00 0.00 ? 4  G A H1     1 
ATOM 130 H H21    . G A 1 4 ? 5.996   -2.100  1.014   1.00 0.00 ? 4  G A H21    1 
ATOM 131 H H22    . G A 1 4 ? 7.514   -1.423  0.470   1.00 0.00 ? 4  G A H22    1 
ATOM 132 P P      . A A 1 5 ? 7.833   3.736   -6.152  1.00 0.00 ? 5  A A P      1 
ATOM 133 O OP1    . A A 1 5 ? 8.828   3.954   -7.226  1.00 0.00 ? 5  A A OP1    1 
ATOM 134 O OP2    . A A 1 5 ? 6.405   4.043   -6.395  1.00 0.00 ? 5  A A OP2    1 
ATOM 135 O "O5'"  . A A 1 5 ? 7.949   2.208   -5.654  1.00 0.00 ? 5  A A "O5'"  1 
ATOM 136 C "C5'"  . A A 1 5 ? 6.988   1.249   -6.039  1.00 0.00 ? 5  A A "C5'"  1 
ATOM 137 C "C4'"  . A A 1 5 ? 7.191   -0.029  -5.225  1.00 0.00 ? 5  A A "C4'"  1 
ATOM 138 O "O4'"  . A A 1 5 ? 6.922   0.196   -3.838  1.00 0.00 ? 5  A A "O4'"  1 
ATOM 139 C "C3'"  . A A 1 5 ? 6.235   -1.114  -5.672  1.00 0.00 ? 5  A A "C3'"  1 
ATOM 140 O "O3'"  . A A 1 5 ? 6.756   -1.841  -6.771  1.00 0.00 ? 5  A A "O3'"  1 
ATOM 141 C "C2'"  . A A 1 5 ? 6.152   -1.954  -4.419  1.00 0.00 ? 5  A A "C2'"  1 
ATOM 142 O "O2'"  . A A 1 5 ? 7.336   -2.710  -4.266  1.00 0.00 ? 5  A A "O2'"  1 
ATOM 143 C "C1'"  . A A 1 5 ? 6.113   -0.867  -3.346  1.00 0.00 ? 5  A A "C1'"  1 
ATOM 144 N N9     . A A 1 5 ? 4.731   -0.382  -3.158  1.00 0.00 ? 5  A A N9     1 
ATOM 145 C C8     . A A 1 5 ? 4.233   0.890   -3.314  1.00 0.00 ? 5  A A C8     1 
ATOM 146 N N7     . A A 1 5 ? 2.962   0.995   -3.037  1.00 0.00 ? 5  A A N7     1 
ATOM 147 C C5     . A A 1 5 ? 2.598   -0.291  -2.646  1.00 0.00 ? 5  A A C5     1 
ATOM 148 C C6     . A A 1 5 ? 1.385   -0.844  -2.192  1.00 0.00 ? 5  A A C6     1 
ATOM 149 N N6     . A A 1 5 ? 0.252   -0.139  -2.075  1.00 0.00 ? 5  A A N6     1 
ATOM 150 N N1     . A A 1 5 ? 1.384   -2.146  -1.847  1.00 0.00 ? 5  A A N1     1 
ATOM 151 C C2     . A A 1 5 ? 2.510   -2.846  -1.950  1.00 0.00 ? 5  A A C2     1 
ATOM 152 N N3     . A A 1 5 ? 3.706   -2.445  -2.362  1.00 0.00 ? 5  A A N3     1 
ATOM 153 C C4     . A A 1 5 ? 3.676   -1.132  -2.702  1.00 0.00 ? 5  A A C4     1 
ATOM 154 H "H5'"  . A A 1 5 ? 7.096   1.032   -7.102  1.00 0.00 ? 5  A A "H5'"  1 
ATOM 155 H "H5''" . A A 1 5 ? 5.986   1.633   -5.846  1.00 0.00 ? 5  A A "H5''" 1 
ATOM 156 H "H4'"  . A A 1 5 ? 8.210   -0.387  -5.330  1.00 0.00 ? 5  A A "H4'"  1 
ATOM 157 H "H3'"  . A A 1 5 ? 5.266   -0.671  -5.900  1.00 0.00 ? 5  A A "H3'"  1 
ATOM 158 H "H2'"  . A A 1 5 ? 5.280   -2.602  -4.401  1.00 0.00 ? 5  A A "H2'"  1 
ATOM 159 H "HO2'" . A A 1 5 ? 8.085   -2.109  -4.268  1.00 0.00 ? 5  A A "HO2'" 1 
ATOM 160 H "H1'"  . A A 1 5 ? 6.486   -1.227  -2.393  1.00 0.00 ? 5  A A "H1'"  1 
ATOM 161 H H8     . A A 1 5 ? 4.840   1.736   -3.620  1.00 0.00 ? 5  A A H8     1 
ATOM 162 H H61    . A A 1 5 ? -0.588  -0.587  -1.737  1.00 0.00 ? 5  A A H61    1 
ATOM 163 H H62    . A A 1 5 ? 0.238   0.840   -2.323  1.00 0.00 ? 5  A A H62    1 
ATOM 164 H H2     . A A 1 5 ? 2.442   -3.885  -1.650  1.00 0.00 ? 5  A A H2     1 
ATOM 165 P P      . C A 1 6 ? 5.778   -2.509  -7.866  1.00 0.00 ? 6  C A P      1 
ATOM 166 O OP1    . C A 1 6 ? 6.607   -3.300  -8.802  1.00 0.00 ? 6  C A OP1    1 
ATOM 167 O OP2    . C A 1 6 ? 4.888   -1.449  -8.390  1.00 0.00 ? 6  C A OP2    1 
ATOM 168 O "O5'"  . C A 1 6 ? 4.880   -3.529  -7.006  1.00 0.00 ? 6  C A "O5'"  1 
ATOM 169 C "C5'"  . C A 1 6 ? 5.423   -4.721  -6.482  1.00 0.00 ? 6  C A "C5'"  1 
ATOM 170 C "C4'"  . C A 1 6 ? 4.302   -5.517  -5.812  1.00 0.00 ? 6  C A "C4'"  1 
ATOM 171 O "O4'"  . C A 1 6 ? 3.736   -4.802  -4.717  1.00 0.00 ? 6  C A "O4'"  1 
ATOM 172 C "C3'"  . C A 1 6 ? 3.149   -5.767  -6.763  1.00 0.00 ? 6  C A "C3'"  1 
ATOM 173 O "O3'"  . C A 1 6 ? 3.427   -6.814  -7.677  1.00 0.00 ? 6  C A "O3'"  1 
ATOM 174 C "C2'"  . C A 1 6 ? 2.068   -6.129  -5.774  1.00 0.00 ? 6  C A "C2'"  1 
ATOM 175 O "O2'"  . C A 1 6 ? 2.286   -7.436  -5.288  1.00 0.00 ? 6  C A "O2'"  1 
ATOM 176 C "C1'"  . C A 1 6 ? 2.342   -5.138  -4.642  1.00 0.00 ? 6  C A "C1'"  1 
ATOM 177 N N1     . C A 1 6 ? 1.505   -3.917  -4.811  1.00 0.00 ? 6  C A N1     1 
ATOM 178 C C2     . C A 1 6 ? 0.176   -3.994  -4.406  1.00 0.00 ? 6  C A C2     1 
ATOM 179 O O2     . C A 1 6 ? -0.281  -5.050  -3.976  1.00 0.00 ? 6  C A O2     1 
ATOM 180 N N3     . C A 1 6 ? -0.592  -2.875  -4.501  1.00 0.00 ? 6  C A N3     1 
ATOM 181 C C4     . C A 1 6 ? -0.092  -1.728  -4.984  1.00 0.00 ? 6  C A C4     1 
ATOM 182 N N4     . C A 1 6 ? -0.887  -0.652  -5.048  1.00 0.00 ? 6  C A N4     1 
ATOM 183 C C5     . C A 1 6 ? 1.271   -1.635  -5.421  1.00 0.00 ? 6  C A C5     1 
ATOM 184 C C6     . C A 1 6 ? 2.028   -2.752  -5.313  1.00 0.00 ? 6  C A C6     1 
ATOM 185 H "H5'"  . C A 1 6 ? 6.200   -4.491  -5.754  1.00 0.00 ? 6  C A "H5'"  1 
ATOM 186 H "H5''" . C A 1 6 ? 5.848   -5.314  -7.292  1.00 0.00 ? 6  C A "H5''" 1 
ATOM 187 H "H4'"  . C A 1 6 ? 4.684   -6.474  -5.451  1.00 0.00 ? 6  C A "H4'"  1 
ATOM 188 H "H3'"  . C A 1 6 ? 2.891   -4.845  -7.283  1.00 0.00 ? 6  C A "H3'"  1 
ATOM 189 H "H2'"  . C A 1 6 ? 1.063   -6.029  -6.181  1.00 0.00 ? 6  C A "H2'"  1 
ATOM 190 H "HO2'" . C A 1 6 ? 1.635   -7.620  -4.608  1.00 0.00 ? 6  C A "HO2'" 1 
ATOM 191 H "H1'"  . C A 1 6 ? 2.115   -5.602  -3.688  1.00 0.00 ? 6  C A "H1'"  1 
ATOM 192 H H41    . C A 1 6 ? -1.845  -0.714  -4.729  1.00 0.00 ? 6  C A H41    1 
ATOM 193 H H42    . C A 1 6 ? -0.529  0.221   -5.408  1.00 0.00 ? 6  C A H42    1 
ATOM 194 H H5     . C A 1 6 ? 1.705   -0.726  -5.816  1.00 0.00 ? 6  C A H5     1 
ATOM 195 H H6     . C A 1 6 ? 3.062   -2.722  -5.620  1.00 0.00 ? 6  C A H6     1 
ATOM 196 P P      . G A 1 7 ? 2.524   -7.020  -9.001  1.00 0.00 ? 7  G A P      1 
ATOM 197 O OP1    . G A 1 7 ? 3.022   -8.215  -9.718  1.00 0.00 ? 7  G A OP1    1 
ATOM 198 O OP2    . G A 1 7 ? 2.442   -5.721  -9.705  1.00 0.00 ? 7  G A OP2    1 
ATOM 199 O "O5'"  . G A 1 7 ? 1.068   -7.361  -8.412  1.00 0.00 ? 7  G A "O5'"  1 
ATOM 200 C "C5'"  . G A 1 7 ? 0.781   -8.627  -7.859  1.00 0.00 ? 7  G A "C5'"  1 
ATOM 201 C "C4'"  . G A 1 7 ? -0.654  -8.628  -7.339  1.00 0.00 ? 7  G A "C4'"  1 
ATOM 202 O "O4'"  . G A 1 7 ? -0.838  -7.640  -6.325  1.00 0.00 ? 7  G A "O4'"  1 
ATOM 203 C "C3'"  . G A 1 7 ? -1.650  -8.268  -8.423  1.00 0.00 ? 7  G A "C3'"  1 
ATOM 204 O "O3'"  . G A 1 7 ? -1.933  -9.354  -9.285  1.00 0.00 ? 7  G A "O3'"  1 
ATOM 205 C "C2'"  . G A 1 7 ? -2.832  -7.890  -7.576  1.00 0.00 ? 7  G A "C2'"  1 
ATOM 206 O "O2'"  . G A 1 7 ? -3.455  -9.049  -7.064  1.00 0.00 ? 7  G A "O2'"  1 
ATOM 207 C "C1'"  . G A 1 7 ? -2.178  -7.138  -6.438  1.00 0.00 ? 7  G A "C1'"  1 
ATOM 208 N N9     . G A 1 7 ? -2.167  -5.688  -6.716  1.00 0.00 ? 7  G A N9     1 
ATOM 209 C C8     . G A 1 7 ? -1.184  -4.927  -7.284  1.00 0.00 ? 7  G A C8     1 
ATOM 210 N N7     . G A 1 7 ? -1.452  -3.652  -7.321  1.00 0.00 ? 7  G A N7     1 
ATOM 211 C C5     . G A 1 7 ? -2.716  -3.560  -6.747  1.00 0.00 ? 7  G A C5     1 
ATOM 212 C C6     . G A 1 7 ? -3.534  -2.415  -6.510  1.00 0.00 ? 7  G A C6     1 
ATOM 213 O O6     . G A 1 7 ? -3.279  -1.235  -6.733  1.00 0.00 ? 7  G A O6     1 
ATOM 214 N N1     . G A 1 7 ? -4.762  -2.771  -5.960  1.00 0.00 ? 7  G A N1     1 
ATOM 215 C C2     . G A 1 7 ? -5.151  -4.060  -5.656  1.00 0.00 ? 7  G A C2     1 
ATOM 216 N N2     . G A 1 7 ? -6.380  -4.210  -5.142  1.00 0.00 ? 7  G A N2     1 
ATOM 217 N N3     . G A 1 7 ? -4.373  -5.132  -5.848  1.00 0.00 ? 7  G A N3     1 
ATOM 218 C C4     . G A 1 7 ? -3.173  -4.808  -6.398  1.00 0.00 ? 7  G A C4     1 
ATOM 219 H "H5'"  . G A 1 7 ? 1.466   -8.842  -7.042  1.00 0.00 ? 7  G A "H5'"  1 
ATOM 220 H "H5''" . G A 1 7 ? 0.887   -9.392  -8.629  1.00 0.00 ? 7  G A "H5''" 1 
ATOM 221 H "H4'"  . G A 1 7 ? -0.905  -9.607  -6.932  1.00 0.00 ? 7  G A "H4'"  1 
ATOM 222 H "H3'"  . G A 1 7 ? -1.300  -7.398  -8.975  1.00 0.00 ? 7  G A "H3'"  1 
ATOM 223 H "H2'"  . G A 1 7 ? -3.536  -7.270  -8.095  1.00 0.00 ? 7  G A "H2'"  1 
ATOM 224 H "HO2'" . G A 1 7 ? -2.803  -9.556  -6.573  1.00 0.00 ? 7  G A "HO2'" 1 
ATOM 225 H "H1'"  . G A 1 7 ? -2.736  -7.303  -5.539  1.00 0.00 ? 7  G A "H1'"  1 
ATOM 226 H H8     . G A 1 7 ? -0.269  -5.347  -7.657  1.00 0.00 ? 7  G A H8     1 
ATOM 227 H H1     . G A 1 7 ? -5.412  -2.021  -5.772  1.00 0.00 ? 7  G A H1     1 
ATOM 228 H H21    . G A 1 7 ? -6.969  -3.402  -4.997  1.00 0.00 ? 7  G A H21    1 
ATOM 229 H H22    . G A 1 7 ? -6.716  -5.131  -4.901  1.00 0.00 ? 7  G A H22    1 
ATOM 230 P P      . C A 1 8 ? -2.651  -9.112  -10.714 1.00 0.00 ? 8  C A P      1 
ATOM 231 O OP1    . C A 1 8 ? -2.893  -10.432 -11.339 1.00 0.00 ? 8  C A OP1    1 
ATOM 232 O OP2    . C A 1 8 ? -1.875  -8.086  -11.445 1.00 0.00 ? 8  C A OP2    1 
ATOM 233 O "O5'"  . C A 1 8 ? -4.081  -8.472  -10.327 1.00 0.00 ? 8  C A "O5'"  1 
ATOM 234 C "C5'"  . C A 1 8 ? -5.133  -9.272  -9.830  1.00 0.00 ? 8  C A "C5'"  1 
ATOM 235 C "C4'"  . C A 1 8 ? -6.358  -8.390  -9.563  1.00 0.00 ? 8  C A "C4'"  1 
ATOM 236 O "O4'"  . C A 1 8 ? -6.090  -7.405  -8.569  1.00 0.00 ? 8  C A "O4'"  1 
ATOM 237 C "C3'"  . C A 1 8 ? -6.773  -7.602  -10.788 1.00 0.00 ? 8  C A "C3'"  1 
ATOM 238 O "O3'"  . C A 1 8 ? -7.480  -8.385  -11.724 1.00 0.00 ? 8  C A "O3'"  1 
ATOM 239 C "C2'"  . C A 1 8 ? -7.648  -6.555  -10.155 1.00 0.00 ? 8  C A "C2'"  1 
ATOM 240 O "O2'"  . C A 1 8 ? -8.911  -7.109  -9.849  1.00 0.00 ? 8  C A "O2'"  1 
ATOM 241 C "C1'"  . C A 1 8 ? -6.901  -6.253  -8.862  1.00 0.00 ? 8  C A "C1'"  1 
ATOM 242 N N1     . C A 1 8 ? -6.054  -5.055  -9.053  1.00 0.00 ? 8  C A N1     1 
ATOM 243 C C2     . C A 1 8 ? -6.649  -3.806  -8.894  1.00 0.00 ? 8  C A C2     1 
ATOM 244 O O2     . C A 1 8 ? -7.840  -3.717  -8.600  1.00 0.00 ? 8  C A O2     1 
ATOM 245 N N3     . C A 1 8 ? -5.875  -2.698  -9.077  1.00 0.00 ? 8  C A N3     1 
ATOM 246 C C4     . C A 1 8 ? -4.576  -2.810  -9.394  1.00 0.00 ? 8  C A C4     1 
ATOM 247 N N4     . C A 1 8 ? -3.853  -1.697  -9.574  1.00 0.00 ? 8  C A N4     1 
ATOM 248 C C5     . C A 1 8 ? -3.956  -4.095  -9.544  1.00 0.00 ? 8  C A C5     1 
ATOM 249 C C6     . C A 1 8 ? -4.736  -5.174  -9.372  1.00 0.00 ? 8  C A C6     1 
ATOM 250 H "H5'"  . C A 1 8 ? -4.828  -9.762  -8.908  1.00 0.00 ? 8  C A "H5'"  1 
ATOM 251 H "H5''" . C A 1 8 ? -5.392  -10.028 -10.571 1.00 0.00 ? 8  C A "H5''" 1 
ATOM 252 H "H4'"  . C A 1 8 ? -7.196  -9.003  -9.234  1.00 0.00 ? 8  C A "H4'"  1 
ATOM 253 H "H3'"  . C A 1 8 ? -5.906  -7.125  -11.240 1.00 0.00 ? 8  C A "H3'"  1 
ATOM 254 H "HO3'" . C A 1 8 ? -6.893  -9.069  -12.054 1.00 0.00 ? 8  C A "HO3'" 1 
ATOM 255 H "H2'"  . C A 1 8 ? -7.744  -5.670  -10.778 1.00 0.00 ? 8  C A "H2'"  1 
ATOM 256 H "HO2'" . C A 1 8 ? -9.337  -7.366  -10.670 1.00 0.00 ? 8  C A "HO2'" 1 
ATOM 257 H "H1'"  . C A 1 8 ? -7.596  -6.070  -8.061  1.00 0.00 ? 8  C A "H1'"  1 
ATOM 258 H H41    . C A 1 8 ? -4.287  -0.791  -9.467  1.00 0.00 ? 8  C A H41    1 
ATOM 259 H H42    . C A 1 8 ? -2.874  -1.763  -9.814  1.00 0.00 ? 8  C A H42    1 
ATOM 260 H H5     . C A 1 8 ? -2.917  -4.241  -9.763  1.00 0.00 ? 8  C A H5     1 
ATOM 261 H H6     . C A 1 8 ? -4.316  -6.149  -9.498  1.00 0.00 ? 8  C A H6     1 
ATOM 262 O "O5'"  . G B 1 1 ? -10.115 7.930   -5.391  1.00 0.00 ? 9  G B "O5'"  1 
ATOM 263 C "C5'"  . G B 1 1 ? -9.785  7.267   -6.591  1.00 0.00 ? 9  G B "C5'"  1 
ATOM 264 C "C4'"  . G B 1 1 ? -10.622 5.994   -6.721  1.00 0.00 ? 9  G B "C4'"  1 
ATOM 265 O "O4'"  . G B 1 1 ? -10.310 5.292   -7.928  1.00 0.00 ? 9  G B "O4'"  1 
ATOM 266 C "C3'"  . G B 1 1 ? -10.356 5.015   -5.588  1.00 0.00 ? 9  G B "C3'"  1 
ATOM 267 O "O3'"  . G B 1 1 ? -11.075 5.345   -4.411  1.00 0.00 ? 9  G B "O3'"  1 
ATOM 268 C "C2'"  . G B 1 1 ? -10.856 3.748   -6.225  1.00 0.00 ? 9  G B "C2'"  1 
ATOM 269 O "O2'"  . G B 1 1 ? -12.267 3.760   -6.268  1.00 0.00 ? 9  G B "O2'"  1 
ATOM 270 C "C1'"  . G B 1 1 ? -10.319 3.888   -7.641  1.00 0.00 ? 9  G B "C1'"  1 
ATOM 271 N N9     . G B 1 1 ? -8.930  3.357   -7.739  1.00 0.00 ? 9  G B N9     1 
ATOM 272 C C8     . G B 1 1 ? -7.720  4.033   -7.741  1.00 0.00 ? 9  G B C8     1 
ATOM 273 N N7     . G B 1 1 ? -6.687  3.260   -7.921  1.00 0.00 ? 9  G B N7     1 
ATOM 274 C C5     . G B 1 1 ? -7.232  1.987   -8.046  1.00 0.00 ? 9  G B C5     1 
ATOM 275 C C6     . G B 1 1 ? -6.583  0.735   -8.268  1.00 0.00 ? 9  G B C6     1 
ATOM 276 O O6     . G B 1 1 ? -5.383  0.513   -8.405  1.00 0.00 ? 9  G B O6     1 
ATOM 277 N N1     . G B 1 1 ? -7.497  -0.312  -8.320  1.00 0.00 ? 9  G B N1     1 
ATOM 278 C C2     . G B 1 1 ? -8.865  -0.179  -8.186  1.00 0.00 ? 9  G B C2     1 
ATOM 279 N N2     . G B 1 1 ? -9.588  -1.303  -8.260  1.00 0.00 ? 9  G B N2     1 
ATOM 280 N N3     . G B 1 1 ? -9.478  0.997   -7.989  1.00 0.00 ? 9  G B N3     1 
ATOM 281 C C4     . G B 1 1 ? -8.601  2.035   -7.928  1.00 0.00 ? 9  G B C4     1 
ATOM 282 H "H5'"  . G B 1 1 ? -8.727  7.009   -6.583  1.00 0.00 ? 9  G B "H5'"  1 
ATOM 283 H "H5''" . G B 1 1 ? -9.992  7.924   -7.435  1.00 0.00 ? 9  G B "H5''" 1 
ATOM 284 H "H4'"  . G B 1 1 ? -11.683 6.244   -6.731  1.00 0.00 ? 9  G B "H4'"  1 
ATOM 285 H "H3'"  . G B 1 1 ? -9.287  4.941   -5.394  1.00 0.00 ? 9  G B "H3'"  1 
ATOM 286 H "H2'"  . G B 1 1 ? -10.500 2.853   -5.742  1.00 0.00 ? 9  G B "H2'"  1 
ATOM 287 H "HO2'" . G B 1 1 ? -12.564 2.982   -6.745  1.00 0.00 ? 9  G B "HO2'" 1 
ATOM 288 H "H1'"  . G B 1 1 ? -10.970 3.333   -8.322  1.00 0.00 ? 9  G B "H1'"  1 
ATOM 289 H H8     . G B 1 1 ? -7.612  5.109   -7.615  1.00 0.00 ? 9  G B H8     1 
ATOM 290 H H1     . G B 1 1 ? -7.120  -1.239  -8.469  1.00 0.00 ? 9  G B H1     1 
ATOM 291 H H21    . G B 1 1 ? -9.128  -2.191  -8.408  1.00 0.00 ? 9  G B H21    1 
ATOM 292 H H22    . G B 1 1 ? -10.593 -1.265  -8.169  1.00 0.00 ? 9  G B H22    1 
ATOM 293 H "HO5'" . G B 1 1 ? -9.582  8.726   -5.326  1.00 0.00 ? 9  G B "HO5'" 1 
ATOM 294 P P      . C B 1 2 ? -10.630 4.757   -2.969  1.00 0.00 ? 10 C B P      1 
ATOM 295 O OP1    . C B 1 2 ? -11.604 5.226   -1.958  1.00 0.00 ? 10 C B OP1    1 
ATOM 296 O OP2    . C B 1 2 ? -9.189  5.043   -2.785  1.00 0.00 ? 10 C B OP2    1 
ATOM 297 O "O5'"  . C B 1 2 ? -10.804 3.163   -3.131  1.00 0.00 ? 10 C B "O5'"  1 
ATOM 298 C "C5'"  . C B 1 2 ? -12.081 2.562   -3.124  1.00 0.00 ? 10 C B "C5'"  1 
ATOM 299 C "C4'"  . C B 1 2 ? -11.934 1.056   -3.351  1.00 0.00 ? 10 C B "C4'"  1 
ATOM 300 O "O4'"  . C B 1 2 ? -11.339 0.777   -4.616  1.00 0.00 ? 10 C B "O4'"  1 
ATOM 301 C "C3'"  . C B 1 2 ? -11.017 0.392   -2.343  1.00 0.00 ? 10 C B "C3'"  1 
ATOM 302 O "O3'"  . C B 1 2 ? -11.622 0.219   -1.074  1.00 0.00 ? 10 C B "O3'"  1 
ATOM 303 C "C2'"  . C B 1 2 ? -10.763 -0.910  -3.051  1.00 0.00 ? 10 C B "C2'"  1 
ATOM 304 O "O2'"  . C B 1 2 ? -11.923 -1.715  -3.015  1.00 0.00 ? 10 C B "O2'"  1 
ATOM 305 C "C1'"  . C B 1 2 ? -10.543 -0.411  -4.474  1.00 0.00 ? 10 C B "C1'"  1 
ATOM 306 N N1     . C B 1 2 ? -9.104  -0.108  -4.681  1.00 0.00 ? 10 C B N1     1 
ATOM 307 C C2     . C B 1 2 ? -8.244  -1.182  -4.902  1.00 0.00 ? 10 C B C2     1 
ATOM 308 O O2     . C B 1 2 ? -8.672  -2.335  -4.883  1.00 0.00 ? 10 C B O2     1 
ATOM 309 N N3     . C B 1 2 ? -6.929  -0.913  -5.136  1.00 0.00 ? 10 C B N3     1 
ATOM 310 C C4     . C B 1 2 ? -6.475  0.349   -5.163  1.00 0.00 ? 10 C B C4     1 
ATOM 311 N N4     . C B 1 2 ? -5.173  0.567   -5.393  1.00 0.00 ? 10 C B N4     1 
ATOM 312 C C5     . C B 1 2 ? -7.358  1.459   -4.950  1.00 0.00 ? 10 C B C5     1 
ATOM 313 C C6     . C B 1 2 ? -8.648  1.177   -4.708  1.00 0.00 ? 10 C B C6     1 
ATOM 314 H "H5'"  . C B 1 2 ? -12.696 2.991   -3.914  1.00 0.00 ? 10 C B "H5'"  1 
ATOM 315 H "H5''" . C B 1 2 ? -12.558 2.738   -2.159  1.00 0.00 ? 10 C B "H5''" 1 
ATOM 316 H "H4'"  . C B 1 2 ? -12.914 0.578   -3.309  1.00 0.00 ? 10 C B "H4'"  1 
ATOM 317 H "H3'"  . C B 1 2 ? -10.089 0.950   -2.274  1.00 0.00 ? 10 C B "H3'"  1 
ATOM 318 H "H2'"  . C B 1 2 ? -9.906  -1.447  -2.659  1.00 0.00 ? 10 C B "H2'"  1 
ATOM 319 H "HO2'" . C B 1 2 ? -11.764 -2.501  -3.543  1.00 0.00 ? 10 C B "HO2'" 1 
ATOM 320 H "H1'"  . C B 1 2 ? -10.848 -1.145  -5.192  1.00 0.00 ? 10 C B "H1'"  1 
ATOM 321 H H41    . C B 1 2 ? -4.549  -0.212  -5.548  1.00 0.00 ? 10 C B H41    1 
ATOM 322 H H42    . C B 1 2 ? -4.816  1.512   -5.415  1.00 0.00 ? 10 C B H42    1 
ATOM 323 H H5     . C B 1 2 ? -7.059  2.489   -4.998  1.00 0.00 ? 10 C B H5     1 
ATOM 324 H H6     . C B 1 2 ? -9.324  1.982   -4.531  1.00 0.00 ? 10 C B H6     1 
ATOM 325 P P      . G B 1 3 ? -10.724 -0.065  0.244   1.00 0.00 ? 11 G B P      1 
ATOM 326 O OP1    . G B 1 3 ? -11.638 -0.247  1.393   1.00 0.00 ? 11 G B OP1    1 
ATOM 327 O OP2    . G B 1 3 ? -9.668  0.971   0.305   1.00 0.00 ? 11 G B OP2    1 
ATOM 328 O "O5'"  . G B 1 3 ? -10.015 -1.480  -0.062  1.00 0.00 ? 11 G B "O5'"  1 
ATOM 329 C "C5'"  . G B 1 3 ? -10.751 -2.684  -0.028  1.00 0.00 ? 11 G B "C5'"  1 
ATOM 330 C "C4'"  . G B 1 3 ? -9.827  -3.856  -0.366  1.00 0.00 ? 11 G B "C4'"  1 
ATOM 331 O "O4'"  . G B 1 3 ? -9.217  -3.673  -1.649  1.00 0.00 ? 11 G B "O4'"  1 
ATOM 332 C "C3'"  . G B 1 3 ? -8.677  -3.995  0.616   1.00 0.00 ? 11 G B "C3'"  1 
ATOM 333 O "O3'"  . G B 1 3 ? -9.069  -4.643  1.815   1.00 0.00 ? 11 G B "O3'"  1 
ATOM 334 C "C2'"  . G B 1 3 ? -7.717  -4.824  -0.206  1.00 0.00 ? 11 G B "C2'"  1 
ATOM 335 O "O2'"  . G B 1 3 ? -8.138  -6.171  -0.211  1.00 0.00 ? 11 G B "O2'"  1 
ATOM 336 C "C1'"  . G B 1 3 ? -7.899  -4.246  -1.611  1.00 0.00 ? 11 G B "C1'"  1 
ATOM 337 N N9     . G B 1 3 ? -6.872  -3.205  -1.878  1.00 0.00 ? 11 G B N9     1 
ATOM 338 C C8     . G B 1 3 ? -6.994  -1.833  -1.891  1.00 0.00 ? 11 G B C8     1 
ATOM 339 N N7     . G B 1 3 ? -5.898  -1.207  -2.216  1.00 0.00 ? 11 G B N7     1 
ATOM 340 C C5     . G B 1 3 ? -4.982  -2.225  -2.441  1.00 0.00 ? 11 G B C5     1 
ATOM 341 C C6     . G B 1 3 ? -3.617  -2.151  -2.851  1.00 0.00 ? 11 G B C6     1 
ATOM 342 O O6     . G B 1 3 ? -2.943  -1.149  -3.082  1.00 0.00 ? 11 G B O6     1 
ATOM 343 N N1     . G B 1 3 ? -3.054  -3.415  -2.988  1.00 0.00 ? 11 G B N1     1 
ATOM 344 C C2     . G B 1 3 ? -3.715  -4.606  -2.758  1.00 0.00 ? 11 G B C2     1 
ATOM 345 N N2     . G B 1 3 ? -3.011  -5.729  -2.952  1.00 0.00 ? 11 G B N2     1 
ATOM 346 N N3     . G B 1 3 ? -4.996  -4.678  -2.372  1.00 0.00 ? 11 G B N3     1 
ATOM 347 C C4     . G B 1 3 ? -5.567  -3.452  -2.236  1.00 0.00 ? 11 G B C4     1 
ATOM 348 H "H5'"  . G B 1 3 ? -11.561 -2.640  -0.754  1.00 0.00 ? 11 G B "H5'"  1 
ATOM 349 H "H5''" . G B 1 3 ? -11.168 -2.829  0.970   1.00 0.00 ? 11 G B "H5''" 1 
ATOM 350 H "H4'"  . G B 1 3 ? -10.405 -4.783  -0.366  1.00 0.00 ? 11 G B "H4'"  1 
ATOM 351 H "H3'"  . G B 1 3 ? -8.247  -3.019  0.830   1.00 0.00 ? 11 G B "H3'"  1 
ATOM 352 H "H2'"  . G B 1 3 ? -6.694  -4.740  0.139   1.00 0.00 ? 11 G B "H2'"  1 
ATOM 353 H "HO2'" . G B 1 3 ? -7.557  -6.671  -0.789  1.00 0.00 ? 11 G B "HO2'" 1 
ATOM 354 H "H1'"  . G B 1 3 ? -7.791  -5.036  -2.358  1.00 0.00 ? 11 G B "H1'"  1 
ATOM 355 H H8     . G B 1 3 ? -7.910  -1.311  -1.666  1.00 0.00 ? 11 G B H8     1 
ATOM 356 H H1     . G B 1 3 ? -2.089  -3.456  -3.283  1.00 0.00 ? 11 G B H1     1 
ATOM 357 H H21    . G B 1 3 ? -2.047  -5.676  -3.248  1.00 0.00 ? 11 G B H21    1 
ATOM 358 H H22    . G B 1 3 ? -3.445  -6.629  -2.802  1.00 0.00 ? 11 G B H22    1 
ATOM 359 P P      . G B 1 4 ? -8.104  -4.645  3.119   1.00 0.00 ? 12 G B P      1 
ATOM 360 O OP1    . G B 1 4 ? -8.857  -5.236  4.247   1.00 0.00 ? 12 G B OP1    1 
ATOM 361 O OP2    . G B 1 4 ? -7.520  -3.292  3.258   1.00 0.00 ? 12 G B OP2    1 
ATOM 362 O "O5'"  . G B 1 4 ? -6.916  -5.664  2.723   1.00 0.00 ? 12 G B "O5'"  1 
ATOM 363 C "C5'"  . G B 1 4 ? -7.134  -7.060  2.710   1.00 0.00 ? 12 G B "C5'"  1 
ATOM 364 C "C4'"  . G B 1 4 ? -5.854  -7.784  2.288   1.00 0.00 ? 12 G B "C4'"  1 
ATOM 365 O "O4'"  . G B 1 4 ? -5.395  -7.341  1.009   1.00 0.00 ? 12 G B "O4'"  1 
ATOM 366 C "C3'"  . G B 1 4 ? -4.700  -7.570  3.241   1.00 0.00 ? 12 G B "C3'"  1 
ATOM 367 O "O3'"  . G B 1 4 ? -4.793  -8.372  4.405   1.00 0.00 ? 12 G B "O3'"  1 
ATOM 368 C "C2'"  . G B 1 4 ? -3.562  -7.986  2.366   1.00 0.00 ? 12 G B "C2'"  1 
ATOM 369 O "O2'"  . G B 1 4 ? -3.548  -9.393  2.235   1.00 0.00 ? 12 G B "O2'"  1 
ATOM 370 C "C1'"  . G B 1 4 ? -3.960  -7.361  1.028   1.00 0.00 ? 12 G B "C1'"  1 
ATOM 371 N N9     . G B 1 4 ? -3.458  -5.971  0.903   1.00 0.00 ? 12 G B N9     1 
ATOM 372 C C8     . G B 1 4 ? -4.036  -4.795  1.318   1.00 0.00 ? 12 G B C8     1 
ATOM 373 N N7     . G B 1 4 ? -3.399  -3.727  0.937   1.00 0.00 ? 12 G B N7     1 
ATOM 374 C C5     . G B 1 4 ? -2.312  -4.220  0.230   1.00 0.00 ? 12 G B C5     1 
ATOM 375 C C6     . G B 1 4 ? -1.262  -3.519  -0.426  1.00 0.00 ? 12 G B C6     1 
ATOM 376 O O6     . G B 1 4 ? -1.104  -2.306  -0.525  1.00 0.00 ? 12 G B O6     1 
ATOM 377 N N1     . G B 1 4 ? -0.343  -4.394  -0.995  1.00 0.00 ? 12 G B N1     1 
ATOM 378 C C2     . G B 1 4 ? -0.428  -5.772  -0.950  1.00 0.00 ? 12 G B C2     1 
ATOM 379 N N2     . G B 1 4 ? 0.560   -6.455  -1.544  1.00 0.00 ? 12 G B N2     1 
ATOM 380 N N3     . G B 1 4 ? -1.426  -6.433  -0.352  1.00 0.00 ? 12 G B N3     1 
ATOM 381 C C4     . G B 1 4 ? -2.327  -5.595  0.220   1.00 0.00 ? 12 G B C4     1 
ATOM 382 H "H5'"  . G B 1 4 ? -7.934  -7.300  2.011   1.00 0.00 ? 12 G B "H5'"  1 
ATOM 383 H "H5''" . G B 1 4 ? -7.414  -7.390  3.710   1.00 0.00 ? 12 G B "H5''" 1 
ATOM 384 H "H4'"  . G B 1 4 ? -6.035  -8.847  2.237   1.00 0.00 ? 12 G B "H4'"  1 
ATOM 385 H "H3'"  . G B 1 4 ? -4.593  -6.526  3.484   1.00 0.00 ? 12 G B "H3'"  1 
ATOM 386 H "H2'"  . G B 1 4 ? -2.622  -7.631  2.744   1.00 0.00 ? 12 G B "H2'"  1 
ATOM 387 H "HO2'" . G B 1 4 ? -2.853  -9.634  1.618   1.00 0.00 ? 12 G B "HO2'" 1 
ATOM 388 H "H1'"  . G B 1 4 ? -3.562  -7.947  0.206   1.00 0.00 ? 12 G B "H1'"  1 
ATOM 389 H H8     . G B 1 4 ? -4.940  -4.750  1.894   1.00 0.00 ? 12 G B H8     1 
ATOM 390 H H1     . G B 1 4 ? 0.441   -3.980  -1.478  1.00 0.00 ? 12 G B H1     1 
ATOM 391 H H21    . G B 1 4 ? 1.318   -5.958  -1.990  1.00 0.00 ? 12 G B H21    1 
ATOM 392 H H22    . G B 1 4 ? 0.549   -7.464  -1.543  1.00 0.00 ? 12 G B H22    1 
ATOM 393 P P      . A B 1 5 ? -3.770  -8.154  5.636   1.00 0.00 ? 13 A B P      1 
ATOM 394 O OP1    . A B 1 5 ? -3.965  -9.253  6.607   1.00 0.00 ? 13 A B OP1    1 
ATOM 395 O OP2    . A B 1 5 ? -3.882  -6.747  6.081   1.00 0.00 ? 13 A B OP2    1 
ATOM 396 O "O5'"  . A B 1 5 ? -2.335  -8.350  4.928   1.00 0.00 ? 13 A B "O5'"  1 
ATOM 397 C "C5'"  . A B 1 5 ? -1.235  -7.544  5.290   1.00 0.00 ? 13 A B "C5'"  1 
ATOM 398 C "C4'"  . A B 1 5 ? -0.097  -7.760  4.293   1.00 0.00 ? 13 A B "C4'"  1 
ATOM 399 O "O4'"  . A B 1 5 ? -0.461  -7.294  2.990   1.00 0.00 ? 13 A B "O4'"  1 
ATOM 400 C "C3'"  . A B 1 5 ? 1.135   -6.975  4.693   1.00 0.00 ? 13 A B "C3'"  1 
ATOM 401 O "O3'"  . A B 1 5 ? 1.927   -7.693  5.622   1.00 0.00 ? 13 A B "O3'"  1 
ATOM 402 C "C2'"  . A B 1 5 ? 1.817   -6.826  3.354   1.00 0.00 ? 13 A B "C2'"  1 
ATOM 403 O "O2'"  . A B 1 5 ? 2.388   -8.059  2.967   1.00 0.00 ? 13 A B "O2'"  1 
ATOM 404 C "C1'"  . A B 1 5 ? 0.618   -6.535  2.454   1.00 0.00 ? 13 A B "C1'"  1 
ATOM 405 N N9     . A B 1 5 ? 0.274   -5.101  2.500   1.00 0.00 ? 13 A B N9     1 
ATOM 406 C C8     . A B 1 5 ? -0.905  -4.506  2.881   1.00 0.00 ? 13 A B C8     1 
ATOM 407 N N7     . A B 1 5 ? -0.900  -3.207  2.770   1.00 0.00 ? 13 A B N7     1 
ATOM 408 C C5     . A B 1 5 ? 0.361   -2.921  2.257   1.00 0.00 ? 13 A B C5     1 
ATOM 409 C C6     . A B 1 5 ? 0.987   -1.717  1.876   1.00 0.00 ? 13 A B C6     1 
ATOM 410 N N6     . A B 1 5 ? 0.402   -0.517  1.985   1.00 0.00 ? 13 A B N6     1 
ATOM 411 N N1     . A B 1 5 ? 2.231   -1.796  1.365   1.00 0.00 ? 13 A B N1     1 
ATOM 412 C C2     . A B 1 5 ? 2.808   -2.987  1.242   1.00 0.00 ? 13 A B C2     1 
ATOM 413 N N3     . A B 1 5 ? 2.329   -4.183  1.563   1.00 0.00 ? 13 A B N3     1 
ATOM 414 C C4     . A B 1 5 ? 1.077   -4.072  2.074   1.00 0.00 ? 13 A B C4     1 
ATOM 415 H "H5'"  . A B 1 5 ? -0.903  -7.813  6.294   1.00 0.00 ? 13 A B "H5'"  1 
ATOM 416 H "H5''" . A B 1 5 ? -1.526  -6.494  5.272   1.00 0.00 ? 13 A B "H5''" 1 
ATOM 417 H "H4'"  . A B 1 5 ? 0.159   -8.813  4.228   1.00 0.00 ? 13 A B "H4'"  1 
ATOM 418 H "H3'"  . A B 1 5 ? 0.833   -6.003  5.082   1.00 0.00 ? 13 A B "H3'"  1 
ATOM 419 H "H2'"  . A B 1 5 ? 2.563   -6.034  3.344   1.00 0.00 ? 13 A B "H2'"  1 
ATOM 420 H "HO2'" . A B 1 5 ? 3.072   -8.291  3.598   1.00 0.00 ? 13 A B "HO2'" 1 
ATOM 421 H "H1'"  . A B 1 5 ? 0.811   -6.813  1.422   1.00 0.00 ? 13 A B "H1'"  1 
ATOM 422 H H8     . A B 1 5 ? -1.771  -5.064  3.223   1.00 0.00 ? 13 A B H8     1 
ATOM 423 H H61    . A B 1 5 ? 0.897   0.314   1.691   1.00 0.00 ? 13 A B H61    1 
ATOM 424 H H62    . A B 1 5 ? -0.532  -0.441  2.362   1.00 0.00 ? 13 A B H62    1 
ATOM 425 H H2     . A B 1 5 ? 3.805   -2.981  0.818   1.00 0.00 ? 13 A B H2     1 
ATOM 426 P P      . C B 1 6 ? 2.812   -6.925  6.731   1.00 0.00 ? 14 C B P      1 
ATOM 427 O OP1    . C B 1 6 ? 3.610   -7.933  7.463   1.00 0.00 ? 14 C B OP1    1 
ATOM 428 O OP2    . C B 1 6 ? 1.916   -6.016  7.479   1.00 0.00 ? 14 C B OP2    1 
ATOM 429 O "O5'"  . C B 1 6 ? 3.821   -6.022  5.862   1.00 0.00 ? 14 C B "O5'"  1 
ATOM 430 C "C5'"  . C B 1 6 ? 4.890   -6.599  5.145   1.00 0.00 ? 14 C B "C5'"  1 
ATOM 431 C "C4'"  . C B 1 6 ? 5.721   -5.482  4.513   1.00 0.00 ? 14 C B "C4'"  1 
ATOM 432 O "O4'"  . C B 1 6 ? 4.951   -4.722  3.585   1.00 0.00 ? 14 C B "O4'"  1 
ATOM 433 C "C3'"  . C B 1 6 ? 6.196   -4.484  5.549   1.00 0.00 ? 14 C B "C3'"  1 
ATOM 434 O "O3'"  . C B 1 6 ? 7.307   -4.964  6.284   1.00 0.00 ? 14 C B "O3'"  1 
ATOM 435 C "C2'"  . C B 1 6 ? 6.547   -3.317  4.655   1.00 0.00 ? 14 C B "C2'"  1 
ATOM 436 O "O2'"  . C B 1 6 ? 7.769   -3.571  3.993   1.00 0.00 ? 14 C B "O2'"  1 
ATOM 437 C "C1'"  . C B 1 6 ? 5.416   -3.363  3.629   1.00 0.00 ? 14 C B "C1'"  1 
ATOM 438 N N1     . C B 1 6 ? 4.312   -2.453  4.039   1.00 0.00 ? 14 C B N1     1 
ATOM 439 C C2     . C B 1 6 ? 4.482   -1.093  3.790   1.00 0.00 ? 14 C B C2     1 
ATOM 440 O O2     . C B 1 6 ? 5.526   -0.680  3.291   1.00 0.00 ? 14 C B O2     1 
ATOM 441 N N3     . C B 1 6 ? 3.466   -0.247  4.115   1.00 0.00 ? 14 C B N3     1 
ATOM 442 C C4     . C B 1 6 ? 2.334   -0.702  4.672   1.00 0.00 ? 14 C B C4     1 
ATOM 443 N N4     . C B 1 6 ? 1.361   0.171   4.965   1.00 0.00 ? 14 C B N4     1 
ATOM 444 C C5     . C B 1 6 ? 2.147   -2.098  4.949   1.00 0.00 ? 14 C B C5     1 
ATOM 445 C C6     . C B 1 6 ? 3.160   -2.931  4.613   1.00 0.00 ? 14 C B C6     1 
ATOM 446 H "H5'"  . C B 1 6 ? 4.508   -7.258  4.369   1.00 0.00 ? 14 C B "H5'"  1 
ATOM 447 H "H5''" . C B 1 6 ? 5.520   -7.169  5.829   1.00 0.00 ? 14 C B "H5''" 1 
ATOM 448 H "H4'"  . C B 1 6 ? 6.584   -5.904  3.998   1.00 0.00 ? 14 C B "H4'"  1 
ATOM 449 H "H3'"  . C B 1 6 ? 5.371   -4.215  6.209   1.00 0.00 ? 14 C B "H3'"  1 
ATOM 450 H "H2'"  . C B 1 6 ? 6.589   -2.369  5.186   1.00 0.00 ? 14 C B "H2'"  1 
ATOM 451 H "HO2'" . C B 1 6 ? 7.688   -4.396  3.508   1.00 0.00 ? 14 C B "HO2'" 1 
ATOM 452 H "H1'"  . C B 1 6 ? 5.791   -3.060  2.656   1.00 0.00 ? 14 C B "H1'"  1 
ATOM 453 H H41    . C B 1 6 ? 1.487   1.154   4.761   1.00 0.00 ? 14 C B H41    1 
ATOM 454 H H42    . C B 1 6 ? 0.501   -0.152  5.385   1.00 0.00 ? 14 C B H42    1 
ATOM 455 H H5     . C B 1 6 ? 1.247   -2.496  5.397   1.00 0.00 ? 14 C B H5     1 
ATOM 456 H H6     . C B 1 6 ? 3.056   -3.989  4.794   1.00 0.00 ? 14 C B H6     1 
ATOM 457 P P      . G B 1 7 ? 7.751   -4.262  7.671   1.00 0.00 ? 15 G B P      1 
ATOM 458 O OP1    . G B 1 7 ? 8.964   -4.949  8.169   1.00 0.00 ? 15 G B OP1    1 
ATOM 459 O OP2    . G B 1 7 ? 6.554   -4.165  8.537   1.00 0.00 ? 15 G B OP2    1 
ATOM 460 O "O5'"  . G B 1 7 ? 8.164   -2.775  7.223   1.00 0.00 ? 15 G B "O5'"  1 
ATOM 461 C "C5'"  . G B 1 7 ? 9.384   -2.525  6.559   1.00 0.00 ? 15 G B "C5'"  1 
ATOM 462 C "C4'"  . G B 1 7 ? 9.466   -1.039  6.219   1.00 0.00 ? 15 G B "C4'"  1 
ATOM 463 O "O4'"  . G B 1 7 ? 8.395   -0.645  5.363   1.00 0.00 ? 15 G B "O4'"  1 
ATOM 464 C "C3'"  . G B 1 7 ? 9.328   -0.167  7.450   1.00 0.00 ? 15 G B "C3'"  1 
ATOM 465 O "O3'"  . G B 1 7 ? 10.526  -0.088  8.201   1.00 0.00 ? 15 G B "O3'"  1 
ATOM 466 C "C2'"  . G B 1 7 ? 8.976   1.144   6.804   1.00 0.00 ? 15 G B "C2'"  1 
ATOM 467 O "O2'"  . G B 1 7 ? 10.128  1.730   6.233   1.00 0.00 ? 15 G B "O2'"  1 
ATOM 468 C "C1'"  . G B 1 7 ? 8.044   0.707   5.695   1.00 0.00 ? 15 G B "C1'"  1 
ATOM 469 N N9     . G B 1 7 ? 6.640   0.785   6.141   1.00 0.00 ? 15 G B N9     1 
ATOM 470 C C8     . G B 1 7 ? 5.849   -0.195  6.671   1.00 0.00 ? 15 G B C8     1 
ATOM 471 N N7     . G B 1 7 ? 4.619   0.176   6.895   1.00 0.00 ? 15 G B N7     1 
ATOM 472 C C5     . G B 1 7 ? 4.596   1.508   6.498   1.00 0.00 ? 15 G B C5     1 
ATOM 473 C C6     . G B 1 7 ? 3.522   2.449   6.506   1.00 0.00 ? 15 G B C6     1 
ATOM 474 O O6     . G B 1 7 ? 2.352   2.269   6.835   1.00 0.00 ? 15 G B O6     1 
ATOM 475 N N1     . G B 1 7 ? 3.940   3.704   6.076   1.00 0.00 ? 15 G B N1     1 
ATOM 476 C C2     . G B 1 7 ? 5.220   4.017   5.668   1.00 0.00 ? 15 G B C2     1 
ATOM 477 N N2     . G B 1 7 ? 5.440   5.285   5.297   1.00 0.00 ? 15 G B N2     1 
ATOM 478 N N3     . G B 1 7 ? 6.222   3.128   5.630   1.00 0.00 ? 15 G B N3     1 
ATOM 479 C C4     . G B 1 7 ? 5.838   1.899   6.061   1.00 0.00 ? 15 G B C4     1 
ATOM 480 H "H5'"  . G B 1 7 ? 9.439   -3.113  5.645   1.00 0.00 ? 15 G B "H5'"  1 
ATOM 481 H "H5''" . G B 1 7 ? 10.215  -2.793  7.212   1.00 0.00 ? 15 G B "H5''" 1 
ATOM 482 H "H4'"  . G B 1 7 ? 10.414  -0.819  5.727   1.00 0.00 ? 15 G B "H4'"  1 
ATOM 483 H "H3'"  . G B 1 7 ? 8.495   -0.513  8.057   1.00 0.00 ? 15 G B "H3'"  1 
ATOM 484 H "H2'"  . G B 1 7 ? 8.488   1.822   7.474   1.00 0.00 ? 15 G B "H2'"  1 
ATOM 485 H "HO2'" . G B 1 7 ? 10.512  1.108   5.611   1.00 0.00 ? 15 G B "HO2'" 1 
ATOM 486 H "H1'"  . G B 1 7 ? 8.165   1.362   4.855   1.00 0.00 ? 15 G B "H1'"  1 
ATOM 487 H H8     . G B 1 7 ? 6.211   -1.185  6.873   1.00 0.00 ? 15 G B H8     1 
ATOM 488 H H1     . G B 1 7 ? 3.246   4.436   6.064   1.00 0.00 ? 15 G B H1     1 
ATOM 489 H H21    . G B 1 7 ? 4.687   5.959   5.327   1.00 0.00 ? 15 G B H21    1 
ATOM 490 H H22    . G B 1 7 ? 6.359   5.569   4.990   1.00 0.00 ? 15 G B H22    1 
ATOM 491 P P      . C B 1 8 ? 10.513  0.454   9.726   1.00 0.00 ? 16 C B P      1 
ATOM 492 O OP1    . C B 1 8 ? 11.911  0.507   10.208  1.00 0.00 ? 16 C B OP1    1 
ATOM 493 O OP2    . C B 1 8 ? 9.509   -0.331  10.478  1.00 0.00 ? 16 C B OP2    1 
ATOM 494 O "O5'"  . C B 1 8 ? 9.968   1.967   9.598   1.00 0.00 ? 16 C B "O5'"  1 
ATOM 495 C "C5'"  . C B 1 8 ? 10.802  3.011   9.139   1.00 0.00 ? 16 C B "C5'"  1 
ATOM 496 C "C4'"  . C B 1 8 ? 10.014  4.325   9.141   1.00 0.00 ? 16 C B "C4'"  1 
ATOM 497 O "O4'"  . C B 1 8 ? 8.904   4.275   8.250   1.00 0.00 ? 16 C B "O4'"  1 
ATOM 498 C "C3'"  . C B 1 8 ? 9.410   4.630   10.495  1.00 0.00 ? 16 C B "C3'"  1 
ATOM 499 O "O3'"  . C B 1 8 ? 10.357  5.140   11.409  1.00 0.00 ? 16 C B "O3'"  1 
ATOM 500 C "C2'"  . C B 1 8 ? 8.384   5.662   10.114  1.00 0.00 ? 16 C B "C2'"  1 
ATOM 501 O "O2'"  . C B 1 8 ? 9.013   6.909   9.900   1.00 0.00 ? 16 C B "O2'"  1 
ATOM 502 C "C1'"  . C B 1 8 ? 7.870   5.121   8.785   1.00 0.00 ? 16 C B "C1'"  1 
ATOM 503 N N1     . C B 1 8 ? 6.631   4.346   9.017   1.00 0.00 ? 16 C B N1     1 
ATOM 504 C C2     . C B 1 8 ? 5.429   5.047   9.095   1.00 0.00 ? 16 C B C2     1 
ATOM 505 O O2     . C B 1 8 ? 5.412   6.270   8.971   1.00 0.00 ? 16 C B O2     1 
ATOM 506 N N3     . C B 1 8 ? 4.287   4.336   9.314   1.00 0.00 ? 16 C B N3     1 
ATOM 507 C C4     . C B 1 8 ? 4.318   3.002   9.444   1.00 0.00 ? 16 C B C4     1 
ATOM 508 N N4     . C B 1 8 ? 3.173   2.343   9.666   1.00 0.00 ? 16 C B N4     1 
ATOM 509 C C5     . C B 1 8 ? 5.552   2.276   9.354   1.00 0.00 ? 16 C B C5     1 
ATOM 510 C C6     . C B 1 8 ? 6.669   2.992   9.147   1.00 0.00 ? 16 C B C6     1 
ATOM 511 H "H5'"  . C B 1 8 ? 11.155  2.796   8.132   1.00 0.00 ? 16 C B "H5'"  1 
ATOM 512 H "H5''" . C B 1 8 ? 11.658  3.108   9.807   1.00 0.00 ? 16 C B "H5''" 1 
ATOM 513 H "H4'"  . C B 1 8 ? 10.663  5.151   8.847   1.00 0.00 ? 16 C B "H4'"  1 
ATOM 514 H "H3'"  . C B 1 8 ? 8.910   3.749   10.891  1.00 0.00 ? 16 C B "H3'"  1 
ATOM 515 H "HO3'" . C B 1 8 ? 11.017  4.462   11.575  1.00 0.00 ? 16 C B "HO3'" 1 
ATOM 516 H "H2'"  . C B 1 8 ? 7.589   5.740   10.848  1.00 0.00 ? 16 C B "H2'"  1 
ATOM 517 H "HO2'" . C B 1 8 ? 8.352   7.533   9.591   1.00 0.00 ? 16 C B "HO2'" 1 
ATOM 518 H "H1'"  . C B 1 8 ? 7.658   5.929   8.108   1.00 0.00 ? 16 C B "H1'"  1 
ATOM 519 H H41    . C B 1 8 ? 2.301   2.853   9.725   1.00 0.00 ? 16 C B H41    1 
ATOM 520 H H42    . C B 1 8 ? 3.179   1.338   9.767   1.00 0.00 ? 16 C B H42    1 
ATOM 521 H H5     . C B 1 8 ? 5.628   1.209   9.417   1.00 0.00 ? 16 C B H5     1 
ATOM 522 H H6     . C B 1 8 ? 7.609   2.489   9.094   1.00 0.00 ? 16 C B H6     1 
# 
